data_4G2J
#
_entry.id   4G2J
#
_cell.length_a   103.688
_cell.length_b   103.688
_cell.length_c   270.075
_cell.angle_alpha   90.00
_cell.angle_beta   90.00
_cell.angle_gamma   90.00
#
_symmetry.space_group_name_H-M   'P 41 21 2'
#
loop_
_entity.id
_entity.type
_entity.pdbx_description
1 polymer "High affinity cGMP-specific 3',5'-cyclic phosphodiesterase 9A"
2 non-polymer 'ZINC ION'
3 non-polymer 'MAGNESIUM ION'
4 non-polymer 1-cyclopentyl-6-[(1R)-1-(3-phenoxyazetidin-1-yl)ethyl]-1,5-dihydro-4H-pyrazolo[3,4-d]pyrimidin-4-one
5 water water
#
_entity_poly.entity_id   1
_entity_poly.type   'polypeptide(L)'
_entity_poly.pdbx_seq_one_letter_code
;GSHMTYPKYLLSPETIEALRKPTFDVWLWEPNEMLSCLEHMYHDLGLVRDFSINPVTLRRWLFCVHDNYRNNPFHNFRHC
FCVAQMMYSMVWLCSLQEKFSQTDILILMTAAICHDLDHPGYNNTYQINARTELAVRYNDISPLENHHCAVAFQILAEPE
CNIFSNIPPDGFKQIRQGMITLILATDMARHAEIMDSFKEKMENFDYSNEEHMTLLKMILIKCCDISNEVRPMEVAEPWV
DCLLEEYFMQSDREKSEGLPVAPFMDRDKVTKATAQIGFIKFVLIPMFETVTKLFPMVEEIMLQPLWESRDRYEELKRID
DAMKELQKK
;
_entity_poly.pdbx_strand_id   A,B
#
# COMPACT_ATOMS: atom_id res chain seq x y z
N GLY A 1 42.24 -27.39 4.00
CA GLY A 1 43.67 -27.47 3.73
C GLY A 1 44.52 -26.60 4.65
N SER A 2 44.10 -26.46 5.93
CA SER A 2 44.82 -25.66 6.93
C SER A 2 45.53 -26.54 7.99
N HIS A 3 46.56 -25.96 8.66
CA HIS A 3 47.39 -26.63 9.68
C HIS A 3 46.63 -27.09 10.94
N MET A 4 45.44 -26.52 11.19
CA MET A 4 44.59 -26.87 12.33
C MET A 4 43.10 -26.76 11.96
N THR A 5 42.22 -27.32 12.82
CA THR A 5 40.77 -27.27 12.62
C THR A 5 40.19 -26.00 13.25
N TYR A 6 39.37 -25.29 12.49
CA TYR A 6 38.69 -24.06 12.93
C TYR A 6 37.18 -24.31 13.06
N PRO A 7 36.49 -23.72 14.06
CA PRO A 7 35.04 -23.94 14.17
C PRO A 7 34.25 -23.48 12.95
N LYS A 8 33.10 -24.14 12.70
CA LYS A 8 32.18 -23.92 11.57
C LYS A 8 31.92 -22.44 11.24
N TYR A 9 31.70 -21.59 12.27
CA TYR A 9 31.45 -20.15 12.12
C TYR A 9 32.63 -19.36 11.56
N LEU A 10 33.84 -19.96 11.56
CA LEU A 10 35.03 -19.36 10.97
C LEU A 10 35.14 -19.98 9.58
N LEU A 11 34.68 -19.24 8.57
CA LEU A 11 34.67 -19.69 7.18
C LEU A 11 36.08 -19.93 6.64
N SER A 12 36.26 -21.07 5.96
CA SER A 12 37.55 -21.44 5.36
C SER A 12 37.81 -20.56 4.12
N PRO A 13 39.09 -20.33 3.71
CA PRO A 13 39.34 -19.53 2.50
C PRO A 13 38.59 -20.02 1.25
N GLU A 14 38.42 -21.35 1.15
CA GLU A 14 37.71 -22.06 0.08
C GLU A 14 36.24 -21.68 0.05
N THR A 15 35.60 -21.58 1.23
CA THR A 15 34.19 -21.19 1.38
C THR A 15 34.00 -19.73 0.92
N ILE A 16 34.89 -18.82 1.37
CA ILE A 16 34.90 -17.39 1.02
C ILE A 16 34.95 -17.19 -0.51
N GLU A 17 35.80 -17.98 -1.21
CA GLU A 17 35.92 -17.95 -2.67
C GLU A 17 34.68 -18.51 -3.36
N ALA A 18 34.18 -19.66 -2.89
CA ALA A 18 33.02 -20.35 -3.47
C ALA A 18 31.75 -19.53 -3.36
N LEU A 19 31.63 -18.69 -2.31
CA LEU A 19 30.52 -17.81 -1.98
C LEU A 19 30.23 -16.76 -3.06
N ARG A 20 31.24 -16.41 -3.87
CA ARG A 20 31.15 -15.43 -4.95
C ARG A 20 30.48 -15.97 -6.22
N LYS A 21 30.27 -17.29 -6.28
CA LYS A 21 29.71 -17.98 -7.45
C LYS A 21 28.29 -18.55 -7.21
N PRO A 22 27.43 -18.56 -8.27
CA PRO A 22 26.07 -19.10 -8.10
C PRO A 22 26.00 -20.63 -7.97
N THR A 23 27.17 -21.31 -8.05
CA THR A 23 27.33 -22.75 -7.92
C THR A 23 27.43 -23.18 -6.44
N PHE A 24 27.51 -22.19 -5.51
CA PHE A 24 27.62 -22.39 -4.06
C PHE A 24 26.49 -23.25 -3.53
N ASP A 25 26.84 -24.36 -2.85
CA ASP A 25 25.85 -25.28 -2.28
C ASP A 25 25.31 -24.73 -0.98
N VAL A 26 24.11 -24.14 -1.04
CA VAL A 26 23.39 -23.52 0.07
C VAL A 26 22.96 -24.51 1.17
N TRP A 27 22.87 -25.80 0.83
CA TRP A 27 22.42 -26.88 1.72
C TRP A 27 23.46 -27.36 2.73
N LEU A 28 24.75 -27.15 2.44
CA LEU A 28 25.86 -27.60 3.28
C LEU A 28 26.01 -26.86 4.61
N TRP A 29 25.36 -25.69 4.73
CA TRP A 29 25.56 -24.79 5.87
C TRP A 29 24.44 -24.68 6.87
N GLU A 30 24.82 -24.63 8.15
CA GLU A 30 23.91 -24.45 9.28
C GLU A 30 23.65 -22.93 9.46
N PRO A 31 22.58 -22.48 10.18
CA PRO A 31 22.33 -21.04 10.31
C PRO A 31 23.52 -20.15 10.67
N ASN A 32 24.32 -20.53 11.70
CA ASN A 32 25.51 -19.79 12.14
C ASN A 32 26.55 -19.60 11.03
N GLU A 33 26.71 -20.60 10.13
CA GLU A 33 27.63 -20.57 9.00
C GLU A 33 27.11 -19.61 7.93
N MET A 34 25.78 -19.66 7.65
CA MET A 34 25.11 -18.79 6.69
C MET A 34 25.16 -17.35 7.19
N LEU A 35 25.05 -17.15 8.52
CA LEU A 35 25.14 -15.85 9.17
C LEU A 35 26.53 -15.24 8.97
N SER A 36 27.59 -16.09 9.09
CA SER A 36 28.99 -15.70 8.87
C SER A 36 29.21 -15.32 7.40
N CYS A 37 28.56 -16.04 6.48
CA CYS A 37 28.60 -15.79 5.04
C CYS A 37 28.04 -14.41 4.69
N LEU A 38 26.86 -14.07 5.24
CA LEU A 38 26.18 -12.79 5.01
C LEU A 38 27.01 -11.62 5.53
N GLU A 39 27.59 -11.79 6.73
CA GLU A 39 28.46 -10.85 7.41
C GLU A 39 29.69 -10.55 6.56
N HIS A 40 30.30 -11.61 5.96
CA HIS A 40 31.45 -11.50 5.08
C HIS A 40 31.10 -10.66 3.85
N MET A 41 29.91 -10.88 3.27
CA MET A 41 29.42 -10.15 2.10
C MET A 41 29.42 -8.64 2.36
N TYR A 42 28.97 -8.20 3.55
CA TYR A 42 28.92 -6.78 3.93
C TYR A 42 30.29 -6.14 4.06
N HIS A 43 31.26 -6.88 4.63
CA HIS A 43 32.64 -6.43 4.78
C HIS A 43 33.32 -6.41 3.41
N ASP A 44 33.20 -7.51 2.65
CA ASP A 44 33.81 -7.72 1.34
C ASP A 44 33.35 -6.72 0.27
N LEU A 45 32.07 -6.33 0.29
CA LEU A 45 31.49 -5.37 -0.66
C LEU A 45 31.83 -3.92 -0.29
N GLY A 46 32.52 -3.73 0.84
CA GLY A 46 32.91 -2.42 1.35
C GLY A 46 31.77 -1.65 1.98
N LEU A 47 30.66 -2.35 2.33
CA LEU A 47 29.48 -1.72 2.92
C LEU A 47 29.72 -1.32 4.38
N VAL A 48 30.48 -2.14 5.13
CA VAL A 48 30.86 -1.87 6.53
C VAL A 48 31.72 -0.59 6.57
N ARG A 49 32.72 -0.52 5.67
CA ARG A 49 33.64 0.61 5.51
C ARG A 49 32.93 1.90 5.07
N ASP A 50 32.14 1.84 3.98
CA ASP A 50 31.48 3.01 3.39
C ASP A 50 30.28 3.57 4.13
N PHE A 51 29.66 2.75 4.99
CA PHE A 51 28.49 3.19 5.75
C PHE A 51 28.74 3.21 7.26
N SER A 52 30.02 3.03 7.66
CA SER A 52 30.49 3.02 9.05
C SER A 52 29.62 2.11 9.93
N ILE A 53 29.30 0.93 9.41
CA ILE A 53 28.50 -0.07 10.10
C ILE A 53 29.35 -0.64 11.23
N ASN A 54 28.82 -0.64 12.46
CA ASN A 54 29.50 -1.22 13.62
C ASN A 54 29.52 -2.75 13.40
N PRO A 55 30.71 -3.38 13.33
CA PRO A 55 30.78 -4.82 13.05
C PRO A 55 29.96 -5.72 13.98
N VAL A 56 29.80 -5.33 15.26
CA VAL A 56 29.01 -6.07 16.23
C VAL A 56 27.51 -5.88 15.93
N THR A 57 27.10 -4.65 15.57
CA THR A 57 25.71 -4.33 15.19
C THR A 57 25.30 -5.15 13.97
N LEU A 58 26.21 -5.29 12.98
CA LEU A 58 25.99 -6.09 11.77
C LEU A 58 25.62 -7.54 12.14
N ARG A 59 26.34 -8.11 13.10
CA ARG A 59 26.14 -9.47 13.61
C ARG A 59 24.82 -9.60 14.38
N ARG A 60 24.52 -8.62 15.26
CA ARG A 60 23.27 -8.61 16.04
C ARG A 60 22.07 -8.46 15.13
N TRP A 61 22.19 -7.59 14.10
CA TRP A 61 21.15 -7.36 13.09
C TRP A 61 20.86 -8.64 12.32
N LEU A 62 21.91 -9.31 11.79
CA LEU A 62 21.79 -10.58 11.06
C LEU A 62 21.15 -11.68 11.91
N PHE A 63 21.54 -11.78 13.19
CA PHE A 63 20.98 -12.74 14.13
C PHE A 63 19.50 -12.46 14.38
N CYS A 64 19.12 -11.17 14.48
CA CYS A 64 17.73 -10.75 14.68
C CYS A 64 16.88 -11.04 13.44
N VAL A 65 17.45 -10.79 12.24
CA VAL A 65 16.80 -11.08 10.95
C VAL A 65 16.49 -12.59 10.88
N HIS A 66 17.50 -13.42 11.19
CA HIS A 66 17.42 -14.88 11.20
C HIS A 66 16.30 -15.38 12.12
N ASP A 67 16.20 -14.77 13.32
CA ASP A 67 15.18 -15.10 14.31
C ASP A 67 13.77 -14.72 13.85
N ASN A 68 13.66 -13.68 13.00
CA ASN A 68 12.38 -13.22 12.47
C ASN A 68 11.92 -13.94 11.20
N TYR A 69 12.71 -14.92 10.75
CA TYR A 69 12.33 -15.79 9.63
C TYR A 69 11.65 -17.01 10.25
N ARG A 70 10.47 -17.39 9.73
CA ARG A 70 9.70 -18.53 10.24
C ARG A 70 10.24 -19.86 9.69
N ASN A 71 10.00 -20.96 10.41
CA ASN A 71 10.46 -22.29 10.01
C ASN A 71 9.49 -22.96 9.02
N ASN A 72 9.31 -22.30 7.85
CA ASN A 72 8.47 -22.73 6.75
C ASN A 72 9.26 -23.69 5.86
N PRO A 73 8.61 -24.60 5.08
CA PRO A 73 9.39 -25.50 4.20
C PRO A 73 10.23 -24.75 3.15
N PHE A 74 9.70 -23.65 2.58
CA PHE A 74 10.38 -22.86 1.57
C PHE A 74 10.77 -21.45 2.06
N HIS A 75 9.79 -20.64 2.49
CA HIS A 75 10.00 -19.25 2.93
C HIS A 75 10.61 -19.14 4.33
N ASN A 76 11.88 -19.56 4.41
CA ASN A 76 12.68 -19.62 5.64
C ASN A 76 13.99 -18.82 5.51
N PHE A 77 14.86 -18.90 6.54
CA PHE A 77 16.16 -18.22 6.54
C PHE A 77 17.09 -18.69 5.41
N ARG A 78 17.06 -20.00 5.07
CA ARG A 78 17.90 -20.54 3.98
C ARG A 78 17.51 -19.92 2.63
N HIS A 79 16.21 -19.62 2.43
CA HIS A 79 15.72 -18.98 1.22
C HIS A 79 16.27 -17.55 1.11
N CYS A 80 16.22 -16.78 2.22
CA CYS A 80 16.74 -15.42 2.26
C CYS A 80 18.25 -15.42 2.01
N PHE A 81 18.95 -16.48 2.48
CA PHE A 81 20.38 -16.67 2.25
C PHE A 81 20.65 -16.92 0.75
N CYS A 82 19.78 -17.71 0.06
CA CYS A 82 19.83 -18.00 -1.38
C CYS A 82 19.75 -16.73 -2.20
N VAL A 83 18.76 -15.88 -1.88
CA VAL A 83 18.49 -14.62 -2.55
C VAL A 83 19.67 -13.65 -2.35
N ALA A 84 20.17 -13.53 -1.11
CA ALA A 84 21.30 -12.67 -0.78
C ALA A 84 22.60 -13.19 -1.41
N GLN A 85 22.78 -14.53 -1.45
CA GLN A 85 23.97 -15.16 -2.05
C GLN A 85 23.93 -15.01 -3.57
N MET A 86 22.72 -15.06 -4.17
CA MET A 86 22.56 -14.86 -5.62
C MET A 86 22.81 -13.40 -5.98
N MET A 87 22.38 -12.46 -5.11
CA MET A 87 22.60 -11.02 -5.31
C MET A 87 24.10 -10.73 -5.31
N TYR A 88 24.80 -11.29 -4.32
CA TYR A 88 26.25 -11.20 -4.13
C TYR A 88 26.98 -11.77 -5.36
N SER A 89 26.53 -12.94 -5.88
CA SER A 89 27.09 -13.59 -7.06
C SER A 89 26.92 -12.71 -8.30
N MET A 90 25.76 -12.04 -8.40
CA MET A 90 25.43 -11.15 -9.52
C MET A 90 26.24 -9.87 -9.50
N VAL A 91 26.65 -9.40 -8.30
CA VAL A 91 27.51 -8.21 -8.14
C VAL A 91 28.86 -8.48 -8.83
N TRP A 92 29.44 -9.68 -8.62
CA TRP A 92 30.71 -10.06 -9.23
C TRP A 92 30.58 -10.41 -10.69
N LEU A 93 29.57 -11.21 -11.05
CA LEU A 93 29.32 -11.64 -12.43
C LEU A 93 29.06 -10.46 -13.37
N CYS A 94 28.15 -9.56 -12.97
CA CYS A 94 27.74 -8.41 -13.78
C CYS A 94 28.58 -7.15 -13.56
N SER A 95 29.60 -7.20 -12.67
CA SER A 95 30.48 -6.06 -12.33
C SER A 95 29.60 -4.86 -11.91
N LEU A 96 28.65 -5.12 -11.00
CA LEU A 96 27.68 -4.14 -10.51
C LEU A 96 28.28 -2.93 -9.81
N GLN A 97 29.48 -3.07 -9.23
CA GLN A 97 30.19 -1.98 -8.56
C GLN A 97 30.66 -0.88 -9.52
N GLU A 98 30.74 -1.20 -10.83
CA GLU A 98 31.11 -0.25 -11.89
C GLU A 98 29.90 0.60 -12.29
N LYS A 99 28.69 0.00 -12.26
CA LYS A 99 27.43 0.63 -12.68
C LYS A 99 26.62 1.22 -11.53
N PHE A 100 26.71 0.63 -10.33
CA PHE A 100 25.95 1.07 -9.16
C PHE A 100 26.78 1.73 -8.09
N SER A 101 26.15 2.66 -7.36
CA SER A 101 26.76 3.34 -6.21
C SER A 101 26.76 2.35 -5.02
N GLN A 102 27.52 2.67 -3.97
CA GLN A 102 27.57 1.84 -2.76
C GLN A 102 26.22 1.80 -2.04
N THR A 103 25.44 2.90 -2.14
CA THR A 103 24.10 3.02 -1.56
C THR A 103 23.17 2.02 -2.25
N ASP A 104 23.29 1.90 -3.58
CA ASP A 104 22.50 0.97 -4.39
C ASP A 104 22.82 -0.49 -4.09
N ILE A 105 24.11 -0.81 -3.87
CA ILE A 105 24.57 -2.16 -3.51
C ILE A 105 24.00 -2.50 -2.13
N LEU A 106 24.04 -1.52 -1.19
CA LEU A 106 23.50 -1.64 0.17
C LEU A 106 22.00 -1.94 0.12
N ILE A 107 21.24 -1.21 -0.73
CA ILE A 107 19.80 -1.39 -0.92
C ILE A 107 19.51 -2.80 -1.45
N LEU A 108 20.23 -3.22 -2.52
CA LEU A 108 20.08 -4.54 -3.15
C LEU A 108 20.32 -5.68 -2.17
N MET A 109 21.38 -5.58 -1.37
CA MET A 109 21.78 -6.60 -0.40
C MET A 109 20.86 -6.65 0.81
N THR A 110 20.52 -5.49 1.39
CA THR A 110 19.64 -5.40 2.56
C THR A 110 18.22 -5.82 2.23
N ALA A 111 17.71 -5.44 1.05
CA ALA A 111 16.38 -5.84 0.59
C ALA A 111 16.33 -7.34 0.33
N ALA A 112 17.40 -7.94 -0.27
CA ALA A 112 17.47 -9.38 -0.53
C ALA A 112 17.39 -10.19 0.78
N ILE A 113 18.10 -9.72 1.83
CA ILE A 113 18.11 -10.37 3.14
C ILE A 113 16.75 -10.24 3.85
N CYS A 114 16.12 -9.06 3.73
CA CYS A 114 14.87 -8.72 4.42
C CYS A 114 13.56 -9.09 3.69
N HIS A 115 13.60 -9.31 2.37
CA HIS A 115 12.44 -9.53 1.49
C HIS A 115 11.31 -10.48 1.92
N ASP A 116 11.61 -11.51 2.73
CA ASP A 116 10.59 -12.49 3.17
C ASP A 116 10.45 -12.63 4.69
N LEU A 117 10.81 -11.56 5.44
CA LEU A 117 10.74 -11.56 6.90
C LEU A 117 9.35 -11.86 7.43
N ASP A 118 9.25 -12.82 8.36
CA ASP A 118 8.02 -13.26 9.03
C ASP A 118 6.94 -13.75 8.05
N HIS A 119 7.34 -14.52 7.03
CA HIS A 119 6.43 -15.09 6.03
C HIS A 119 5.59 -16.19 6.71
N PRO A 120 4.25 -16.17 6.59
CA PRO A 120 3.43 -17.20 7.27
C PRO A 120 3.31 -18.56 6.57
N GLY A 121 3.84 -18.66 5.35
CA GLY A 121 3.78 -19.89 4.56
C GLY A 121 2.51 -20.05 3.75
N TYR A 122 1.73 -18.97 3.64
CA TYR A 122 0.48 -18.89 2.87
C TYR A 122 0.57 -17.57 2.11
N ASN A 123 0.46 -17.63 0.77
CA ASN A 123 0.61 -16.47 -0.11
C ASN A 123 -0.47 -15.38 0.02
N ASN A 124 -0.32 -14.28 -0.75
CA ASN A 124 -1.23 -13.13 -0.79
C ASN A 124 -2.65 -13.51 -1.16
N THR A 125 -2.81 -14.47 -2.10
CA THR A 125 -4.11 -14.95 -2.55
C THR A 125 -4.85 -15.59 -1.37
N TYR A 126 -4.14 -16.34 -0.51
CA TYR A 126 -4.77 -16.92 0.67
C TYR A 126 -5.23 -15.80 1.61
N GLN A 127 -4.31 -14.86 1.95
CA GLN A 127 -4.56 -13.72 2.83
C GLN A 127 -5.83 -12.96 2.43
N ILE A 128 -5.93 -12.58 1.14
CA ILE A 128 -7.05 -11.85 0.55
C ILE A 128 -8.36 -12.63 0.61
N ASN A 129 -8.35 -13.89 0.11
CA ASN A 129 -9.52 -14.76 0.07
C ASN A 129 -10.01 -15.14 1.47
N ALA A 130 -9.08 -15.44 2.40
CA ALA A 130 -9.41 -15.80 3.79
C ALA A 130 -9.75 -14.58 4.64
N ARG A 131 -9.48 -13.36 4.10
CA ARG A 131 -9.72 -12.06 4.75
C ARG A 131 -8.99 -12.00 6.09
N THR A 132 -7.71 -12.37 6.08
CA THR A 132 -6.84 -12.42 7.26
C THR A 132 -6.55 -11.03 7.81
N GLU A 133 -5.96 -10.96 9.03
CA GLU A 133 -5.57 -9.70 9.67
C GLU A 133 -4.60 -8.90 8.82
N LEU A 134 -3.70 -9.59 8.08
CA LEU A 134 -2.73 -8.97 7.17
C LEU A 134 -3.39 -8.33 5.95
N ALA A 135 -4.35 -9.04 5.30
CA ALA A 135 -5.09 -8.55 4.15
C ALA A 135 -5.92 -7.33 4.54
N VAL A 136 -6.53 -7.36 5.73
CA VAL A 136 -7.33 -6.27 6.29
C VAL A 136 -6.43 -5.07 6.63
N ARG A 137 -5.25 -5.34 7.22
CA ARG A 137 -4.27 -4.31 7.57
C ARG A 137 -3.77 -3.58 6.31
N TYR A 138 -3.44 -4.34 5.25
CA TYR A 138 -2.89 -3.81 4.03
C TYR A 138 -3.83 -3.53 2.88
N ASN A 139 -5.14 -3.69 3.13
CA ASN A 139 -6.22 -3.42 2.17
C ASN A 139 -6.06 -4.16 0.84
N ASP A 140 -5.61 -5.44 0.92
CA ASP A 140 -5.36 -6.35 -0.19
C ASP A 140 -4.22 -5.92 -1.11
N ILE A 141 -3.45 -4.88 -0.73
CA ILE A 141 -2.33 -4.38 -1.53
C ILE A 141 -1.05 -5.03 -1.00
N SER A 142 -0.54 -6.02 -1.76
CA SER A 142 0.67 -6.80 -1.44
C SER A 142 0.81 -7.00 0.08
N PRO A 143 -0.18 -7.65 0.76
CA PRO A 143 -0.12 -7.75 2.23
C PRO A 143 1.18 -8.31 2.81
N LEU A 144 1.70 -9.40 2.22
CA LEU A 144 2.94 -10.05 2.66
C LEU A 144 4.17 -9.16 2.50
N GLU A 145 4.39 -8.61 1.29
CA GLU A 145 5.55 -7.78 0.98
C GLU A 145 5.61 -6.53 1.82
N ASN A 146 4.44 -5.92 2.09
CA ASN A 146 4.30 -4.76 2.97
C ASN A 146 4.68 -5.13 4.40
N HIS A 147 4.27 -6.34 4.85
CA HIS A 147 4.60 -6.88 6.17
C HIS A 147 6.10 -7.17 6.31
N HIS A 148 6.72 -7.82 5.29
CA HIS A 148 8.17 -8.14 5.28
C HIS A 148 8.97 -6.84 5.47
N CYS A 149 8.53 -5.78 4.79
CA CYS A 149 9.03 -4.42 4.79
C CYS A 149 8.95 -3.80 6.19
N ALA A 150 7.74 -3.85 6.81
CA ALA A 150 7.46 -3.31 8.13
C ALA A 150 8.34 -4.00 9.18
N VAL A 151 8.43 -5.34 9.12
CA VAL A 151 9.26 -6.14 10.02
C VAL A 151 10.75 -5.75 9.87
N ALA A 152 11.22 -5.53 8.63
CA ALA A 152 12.60 -5.11 8.32
C ALA A 152 12.95 -3.82 9.05
N PHE A 153 12.05 -2.82 8.96
CA PHE A 153 12.26 -1.54 9.60
C PHE A 153 11.99 -1.51 11.10
N GLN A 154 11.24 -2.50 11.61
CA GLN A 154 11.01 -2.69 13.05
C GLN A 154 12.30 -3.21 13.69
N ILE A 155 13.01 -4.13 13.00
CA ILE A 155 14.29 -4.71 13.42
C ILE A 155 15.34 -3.58 13.42
N LEU A 156 15.42 -2.83 12.30
CA LEU A 156 16.34 -1.70 12.14
C LEU A 156 16.12 -0.55 13.12
N ALA A 157 14.91 -0.44 13.71
CA ALA A 157 14.59 0.60 14.70
C ALA A 157 15.16 0.27 16.07
N GLU A 158 15.47 -1.02 16.33
CA GLU A 158 16.09 -1.45 17.57
C GLU A 158 17.56 -1.00 17.54
N PRO A 159 18.00 -0.14 18.50
CA PRO A 159 19.36 0.43 18.44
C PRO A 159 20.54 -0.52 18.28
N GLU A 160 20.48 -1.71 18.91
CA GLU A 160 21.54 -2.72 18.82
C GLU A 160 21.56 -3.45 17.46
N CYS A 161 20.51 -3.24 16.63
CA CYS A 161 20.36 -3.84 15.30
C CYS A 161 20.46 -2.81 14.19
N ASN A 162 20.57 -1.53 14.54
CA ASN A 162 20.60 -0.47 13.55
C ASN A 162 21.92 -0.35 12.79
N ILE A 163 22.05 -1.09 11.68
CA ILE A 163 23.24 -1.07 10.83
C ILE A 163 23.38 0.27 10.08
N PHE A 164 22.32 1.09 10.11
CA PHE A 164 22.25 2.40 9.46
C PHE A 164 22.41 3.57 10.43
N SER A 165 22.81 3.27 11.69
CA SER A 165 22.97 4.26 12.77
C SER A 165 23.97 5.37 12.47
N ASN A 166 25.01 5.08 11.67
CA ASN A 166 26.05 6.05 11.32
C ASN A 166 25.87 6.65 9.92
N ILE A 167 24.67 6.50 9.35
CA ILE A 167 24.32 7.05 8.04
C ILE A 167 23.50 8.32 8.28
N PRO A 168 23.82 9.46 7.63
CA PRO A 168 23.01 10.68 7.83
C PRO A 168 21.53 10.48 7.47
N PRO A 169 20.58 11.27 8.07
CA PRO A 169 19.15 11.06 7.76
C PRO A 169 18.75 11.01 6.29
N ASP A 170 19.37 11.84 5.42
CA ASP A 170 19.09 11.87 3.97
C ASP A 170 19.48 10.56 3.30
N GLY A 171 20.58 9.97 3.77
CA GLY A 171 21.06 8.67 3.32
C GLY A 171 20.11 7.57 3.74
N PHE A 172 19.65 7.60 5.02
CA PHE A 172 18.68 6.65 5.57
C PHE A 172 17.39 6.66 4.75
N LYS A 173 16.83 7.87 4.48
CA LYS A 173 15.60 8.05 3.69
C LYS A 173 15.73 7.45 2.29
N GLN A 174 16.91 7.62 1.66
CA GLN A 174 17.24 7.10 0.33
C GLN A 174 17.26 5.56 0.35
N ILE A 175 17.94 4.97 1.36
CA ILE A 175 18.05 3.52 1.56
C ILE A 175 16.67 2.94 1.86
N ARG A 176 15.92 3.59 2.77
CA ARG A 176 14.57 3.17 3.16
C ARG A 176 13.63 3.11 1.96
N GLN A 177 13.55 4.19 1.16
CA GLN A 177 12.72 4.27 -0.05
C GLN A 177 13.08 3.16 -1.06
N GLY A 178 14.39 2.95 -1.28
CA GLY A 178 14.91 1.94 -2.19
C GLY A 178 14.52 0.53 -1.77
N MET A 179 14.73 0.21 -0.48
CA MET A 179 14.40 -1.10 0.11
C MET A 179 12.91 -1.40 0.01
N ILE A 180 12.05 -0.41 0.29
CA ILE A 180 10.59 -0.55 0.20
C ILE A 180 10.20 -0.91 -1.24
N THR A 181 10.71 -0.13 -2.22
CA THR A 181 10.48 -0.35 -3.66
C THR A 181 10.85 -1.78 -4.07
N LEU A 182 12.06 -2.24 -3.64
CA LEU A 182 12.57 -3.58 -3.98
C LEU A 182 11.79 -4.74 -3.35
N ILE A 183 11.49 -4.66 -2.04
CA ILE A 183 10.72 -5.70 -1.34
C ILE A 183 9.31 -5.80 -1.92
N LEU A 184 8.66 -4.66 -2.20
CA LEU A 184 7.32 -4.64 -2.81
C LEU A 184 7.32 -5.19 -4.24
N ALA A 185 8.45 -5.04 -4.96
CA ALA A 185 8.61 -5.51 -6.33
C ALA A 185 8.69 -7.04 -6.43
N THR A 186 8.90 -7.74 -5.29
CA THR A 186 8.99 -9.20 -5.24
C THR A 186 7.63 -9.90 -5.37
N ASP A 187 6.52 -9.13 -5.21
CA ASP A 187 5.16 -9.66 -5.37
C ASP A 187 4.96 -10.09 -6.83
N MET A 188 4.79 -11.40 -7.05
CA MET A 188 4.62 -11.98 -8.40
C MET A 188 3.37 -11.53 -9.15
N ALA A 189 2.41 -10.90 -8.44
CA ALA A 189 1.19 -10.35 -9.05
C ALA A 189 1.56 -9.16 -9.96
N ARG A 190 2.70 -8.52 -9.66
CA ARG A 190 3.24 -7.36 -10.36
C ARG A 190 4.32 -7.72 -11.41
N HIS A 191 4.61 -9.03 -11.62
CA HIS A 191 5.63 -9.52 -12.54
C HIS A 191 5.53 -8.99 -13.97
N ALA A 192 4.35 -9.17 -14.62
CA ALA A 192 4.10 -8.72 -15.99
C ALA A 192 4.27 -7.20 -16.15
N GLU A 193 3.77 -6.43 -15.17
CA GLU A 193 3.84 -4.96 -15.10
C GLU A 193 5.32 -4.49 -15.03
N ILE A 194 6.11 -5.07 -14.10
CA ILE A 194 7.54 -4.74 -13.91
C ILE A 194 8.36 -5.13 -15.16
N MET A 195 8.08 -6.30 -15.73
CA MET A 195 8.74 -6.79 -16.95
C MET A 195 8.48 -5.88 -18.15
N ASP A 196 7.21 -5.44 -18.34
CA ASP A 196 6.82 -4.53 -19.42
C ASP A 196 7.49 -3.17 -19.25
N SER A 197 7.50 -2.62 -18.02
CA SER A 197 8.13 -1.34 -17.69
C SER A 197 9.64 -1.39 -17.97
N PHE A 198 10.31 -2.49 -17.60
CA PHE A 198 11.74 -2.68 -17.82
C PHE A 198 12.09 -2.81 -19.31
N LYS A 199 11.32 -3.62 -20.07
CA LYS A 199 11.48 -3.83 -21.51
C LYS A 199 11.31 -2.51 -22.29
N GLU A 200 10.43 -1.62 -21.78
CA GLU A 200 10.15 -0.29 -22.33
C GLU A 200 11.40 0.58 -22.17
N LYS A 201 12.07 0.50 -21.00
CA LYS A 201 13.31 1.24 -20.70
C LYS A 201 14.49 0.61 -21.45
N MET A 202 14.40 -0.70 -21.74
CA MET A 202 15.41 -1.49 -22.44
C MET A 202 15.57 -1.09 -23.92
N GLU A 203 14.59 -0.35 -24.46
CA GLU A 203 14.58 0.17 -25.83
C GLU A 203 15.75 1.15 -26.06
N ASN A 204 16.15 1.87 -24.99
CA ASN A 204 17.26 2.82 -24.96
C ASN A 204 17.67 3.02 -23.49
N PHE A 205 18.30 1.98 -22.88
CA PHE A 205 18.71 1.99 -21.47
C PHE A 205 19.77 3.03 -21.14
N ASP A 206 19.58 3.70 -20.01
CA ASP A 206 20.44 4.77 -19.51
C ASP A 206 20.79 4.52 -18.04
N TYR A 207 22.08 4.25 -17.76
CA TYR A 207 22.59 4.00 -16.41
C TYR A 207 22.58 5.27 -15.53
N SER A 208 22.46 6.46 -16.16
CA SER A 208 22.41 7.75 -15.48
C SER A 208 20.95 8.13 -15.13
N ASN A 209 19.96 7.40 -15.72
CA ASN A 209 18.53 7.62 -15.49
C ASN A 209 18.11 6.84 -14.24
N GLU A 210 17.69 7.58 -13.20
CA GLU A 210 17.26 7.07 -11.89
C GLU A 210 16.09 6.09 -12.01
N GLU A 211 15.14 6.37 -12.91
CA GLU A 211 13.96 5.54 -13.17
C GLU A 211 14.36 4.20 -13.80
N HIS A 212 15.34 4.24 -14.73
CA HIS A 212 15.88 3.07 -15.42
C HIS A 212 16.57 2.15 -14.39
N MET A 213 17.37 2.77 -13.49
CA MET A 213 18.12 2.09 -12.45
C MET A 213 17.25 1.46 -11.39
N THR A 214 16.13 2.12 -11.04
CA THR A 214 15.13 1.63 -10.08
C THR A 214 14.54 0.33 -10.62
N LEU A 215 14.18 0.32 -11.92
CA LEU A 215 13.62 -0.85 -12.60
C LEU A 215 14.64 -1.98 -12.75
N LEU A 216 15.92 -1.65 -13.00
CA LEU A 216 16.99 -2.65 -13.08
C LEU A 216 17.19 -3.32 -11.72
N LYS A 217 17.19 -2.53 -10.62
CA LYS A 217 17.32 -3.05 -9.25
C LYS A 217 16.13 -3.96 -8.90
N MET A 218 14.91 -3.58 -9.35
CA MET A 218 13.67 -4.36 -9.16
C MET A 218 13.80 -5.72 -9.87
N ILE A 219 14.31 -5.71 -11.11
CA ILE A 219 14.54 -6.92 -11.92
C ILE A 219 15.63 -7.79 -11.26
N LEU A 220 16.69 -7.15 -10.71
CA LEU A 220 17.78 -7.85 -10.03
C LEU A 220 17.30 -8.61 -8.79
N ILE A 221 16.51 -7.97 -7.91
CA ILE A 221 15.96 -8.65 -6.72
C ILE A 221 14.97 -9.76 -7.10
N LYS A 222 14.19 -9.53 -8.17
CA LYS A 222 13.24 -10.49 -8.72
C LYS A 222 13.99 -11.71 -9.25
N CYS A 223 15.10 -11.50 -9.99
CA CYS A 223 15.97 -12.55 -10.52
C CYS A 223 16.49 -13.42 -9.40
N CYS A 224 17.03 -12.79 -8.35
CA CYS A 224 17.60 -13.47 -7.17
C CYS A 224 16.56 -14.23 -6.36
N ASP A 225 15.35 -13.67 -6.23
CA ASP A 225 14.25 -14.26 -5.48
C ASP A 225 13.82 -15.62 -6.04
N ILE A 226 13.67 -15.71 -7.36
CA ILE A 226 13.21 -16.92 -8.05
C ILE A 226 14.34 -17.71 -8.78
N SER A 227 15.60 -17.43 -8.42
CA SER A 227 16.83 -17.98 -9.01
C SER A 227 17.20 -19.44 -8.72
N ASN A 228 16.43 -20.17 -7.90
CA ASN A 228 16.76 -21.55 -7.54
C ASN A 228 17.17 -22.45 -8.71
N GLU A 229 16.40 -22.44 -9.81
CA GLU A 229 16.68 -23.25 -11.01
C GLU A 229 17.98 -22.91 -11.76
N VAL A 230 18.60 -21.75 -11.47
CA VAL A 230 19.86 -21.27 -12.04
C VAL A 230 21.05 -22.05 -11.41
N ARG A 231 20.88 -22.47 -10.16
CA ARG A 231 21.86 -23.21 -9.36
C ARG A 231 22.06 -24.64 -9.90
N PRO A 232 23.19 -25.34 -9.62
CA PRO A 232 23.36 -26.72 -10.11
C PRO A 232 22.19 -27.62 -9.68
N MET A 233 21.79 -28.56 -10.56
CA MET A 233 20.66 -29.49 -10.38
C MET A 233 20.52 -30.02 -8.94
N GLU A 234 21.60 -30.51 -8.35
CA GLU A 234 21.65 -31.09 -7.00
C GLU A 234 21.28 -30.08 -5.90
N VAL A 235 21.55 -28.78 -6.14
CA VAL A 235 21.25 -27.67 -5.23
C VAL A 235 19.83 -27.14 -5.51
N ALA A 236 19.46 -27.04 -6.80
CA ALA A 236 18.17 -26.54 -7.27
C ALA A 236 16.98 -27.44 -6.93
N GLU A 237 17.05 -28.73 -7.34
CA GLU A 237 16.01 -29.76 -7.15
C GLU A 237 15.34 -29.83 -5.75
N PRO A 238 16.07 -29.89 -4.59
CA PRO A 238 15.37 -29.96 -3.28
C PRO A 238 14.43 -28.81 -2.95
N TRP A 239 14.66 -27.62 -3.54
CA TRP A 239 13.84 -26.44 -3.31
C TRP A 239 12.41 -26.58 -3.86
N VAL A 240 12.22 -27.34 -4.96
CA VAL A 240 10.90 -27.56 -5.57
C VAL A 240 9.97 -28.33 -4.62
N ASP A 241 10.50 -29.38 -3.97
CA ASP A 241 9.78 -30.21 -3.00
C ASP A 241 9.37 -29.35 -1.79
N CYS A 242 10.27 -28.45 -1.35
CA CYS A 242 10.05 -27.49 -0.25
C CYS A 242 8.90 -26.56 -0.56
N LEU A 243 8.88 -26.03 -1.79
CA LEU A 243 7.83 -25.13 -2.22
C LEU A 243 6.50 -25.84 -2.40
N LEU A 244 6.49 -27.06 -3.00
CA LEU A 244 5.27 -27.84 -3.18
C LEU A 244 4.65 -28.19 -1.83
N GLU A 245 5.50 -28.46 -0.81
CA GLU A 245 5.09 -28.75 0.56
C GLU A 245 4.30 -27.54 1.13
N GLU A 246 4.76 -26.31 0.83
CA GLU A 246 4.12 -25.07 1.23
C GLU A 246 2.83 -24.83 0.44
N TYR A 247 2.86 -25.08 -0.87
CA TYR A 247 1.72 -24.95 -1.80
C TYR A 247 0.59 -25.91 -1.42
N PHE A 248 0.95 -27.16 -1.03
CA PHE A 248 -0.01 -28.18 -0.64
C PHE A 248 -0.66 -27.89 0.70
N MET A 249 0.11 -27.27 1.63
CA MET A 249 -0.35 -26.85 2.96
C MET A 249 -1.47 -25.81 2.79
N GLN A 250 -1.29 -24.88 1.82
CA GLN A 250 -2.23 -23.82 1.51
C GLN A 250 -3.49 -24.35 0.81
N SER A 251 -3.31 -25.14 -0.27
CA SER A 251 -4.41 -25.71 -1.06
C SER A 251 -5.32 -26.63 -0.24
N ASP A 252 -4.74 -27.40 0.72
CA ASP A 252 -5.50 -28.27 1.62
C ASP A 252 -6.39 -27.43 2.52
N ARG A 253 -5.81 -26.33 3.10
CA ARG A 253 -6.50 -25.38 3.96
C ARG A 253 -7.64 -24.69 3.20
N GLU A 254 -7.37 -24.21 1.96
CA GLU A 254 -8.35 -23.57 1.09
C GLU A 254 -9.54 -24.50 0.78
N LYS A 255 -9.26 -25.80 0.51
CA LYS A 255 -10.28 -26.82 0.24
C LYS A 255 -11.16 -27.00 1.48
N SER A 256 -10.51 -27.11 2.66
CA SER A 256 -11.14 -27.28 3.97
C SER A 256 -11.99 -26.06 4.37
N GLU A 257 -11.55 -24.84 4.00
CA GLU A 257 -12.22 -23.58 4.32
C GLU A 257 -13.20 -23.12 3.24
N GLY A 258 -13.25 -23.85 2.12
CA GLY A 258 -14.13 -23.55 0.99
C GLY A 258 -13.69 -22.37 0.16
N LEU A 259 -12.39 -22.09 0.15
CA LEU A 259 -11.78 -20.98 -0.58
C LEU A 259 -11.23 -21.43 -1.95
N PRO A 260 -11.07 -20.52 -2.95
CA PRO A 260 -10.54 -20.94 -4.26
C PRO A 260 -9.13 -21.56 -4.17
N VAL A 261 -8.89 -22.60 -4.98
CA VAL A 261 -7.61 -23.32 -5.03
C VAL A 261 -6.93 -23.04 -6.37
N ALA A 262 -5.66 -22.60 -6.34
CA ALA A 262 -4.88 -22.34 -7.54
C ALA A 262 -4.44 -23.70 -8.12
N PRO A 263 -4.69 -23.97 -9.43
CA PRO A 263 -4.31 -25.27 -10.01
C PRO A 263 -2.85 -25.69 -9.83
N PHE A 264 -1.91 -24.70 -9.82
CA PHE A 264 -0.48 -24.93 -9.61
C PHE A 264 -0.14 -25.30 -8.15
N MET A 265 -1.15 -25.35 -7.27
CA MET A 265 -1.02 -25.71 -5.85
C MET A 265 -1.78 -26.99 -5.51
N ASP A 266 -2.66 -27.44 -6.41
CA ASP A 266 -3.52 -28.61 -6.24
C ASP A 266 -2.74 -29.92 -6.40
N ARG A 267 -2.67 -30.74 -5.31
CA ARG A 267 -1.99 -32.05 -5.25
C ARG A 267 -2.37 -33.00 -6.40
N ASP A 268 -3.64 -32.92 -6.84
CA ASP A 268 -4.23 -33.76 -7.90
C ASP A 268 -3.90 -33.28 -9.32
N LYS A 269 -3.37 -32.05 -9.45
CA LYS A 269 -3.04 -31.42 -10.74
C LYS A 269 -1.55 -31.15 -10.98
N VAL A 270 -0.81 -30.83 -9.90
CA VAL A 270 0.62 -30.49 -9.97
C VAL A 270 1.53 -31.68 -9.84
N THR A 271 2.66 -31.59 -10.55
CA THR A 271 3.81 -32.48 -10.50
C THR A 271 4.99 -31.53 -10.49
N LYS A 272 6.10 -31.96 -9.89
CA LYS A 272 7.35 -31.21 -9.80
C LYS A 272 7.83 -30.80 -11.20
N ALA A 273 7.75 -31.74 -12.18
CA ALA A 273 8.18 -31.56 -13.56
C ALA A 273 7.37 -30.53 -14.35
N THR A 274 6.03 -30.68 -14.40
CA THR A 274 5.13 -29.77 -15.14
C THR A 274 5.14 -28.34 -14.59
N ALA A 275 5.25 -28.21 -13.25
CA ALA A 275 5.31 -26.92 -12.56
C ALA A 275 6.58 -26.15 -12.97
N GLN A 276 7.72 -26.85 -13.04
CA GLN A 276 9.01 -26.25 -13.40
C GLN A 276 9.16 -25.94 -14.88
N ILE A 277 8.62 -26.79 -15.78
CA ILE A 277 8.67 -26.57 -17.23
C ILE A 277 8.06 -25.19 -17.57
N GLY A 278 6.84 -24.93 -17.09
CA GLY A 278 6.15 -23.67 -17.30
C GLY A 278 6.86 -22.47 -16.69
N PHE A 279 7.27 -22.59 -15.42
CA PHE A 279 7.98 -21.53 -14.70
C PHE A 279 9.33 -21.19 -15.33
N ILE A 280 10.11 -22.20 -15.77
CA ILE A 280 11.40 -21.97 -16.42
C ILE A 280 11.18 -21.30 -17.79
N LYS A 281 10.29 -21.85 -18.61
CA LYS A 281 9.97 -21.38 -19.96
C LYS A 281 9.36 -19.99 -20.04
N PHE A 282 8.30 -19.73 -19.24
CA PHE A 282 7.54 -18.48 -19.31
C PHE A 282 7.84 -17.39 -18.29
N VAL A 283 8.59 -17.72 -17.22
CA VAL A 283 8.94 -16.72 -16.20
C VAL A 283 10.47 -16.53 -16.10
N LEU A 284 11.21 -17.60 -15.79
CA LEU A 284 12.67 -17.58 -15.59
C LEU A 284 13.49 -17.22 -16.81
N ILE A 285 13.37 -18.01 -17.90
CA ILE A 285 14.12 -17.76 -19.14
C ILE A 285 13.85 -16.34 -19.70
N PRO A 286 12.58 -15.87 -19.89
CA PRO A 286 12.35 -14.51 -20.43
C PRO A 286 12.97 -13.39 -19.58
N MET A 287 12.91 -13.52 -18.25
CA MET A 287 13.47 -12.53 -17.33
C MET A 287 15.00 -12.45 -17.43
N PHE A 288 15.71 -13.61 -17.42
CA PHE A 288 17.16 -13.63 -17.56
C PHE A 288 17.62 -13.25 -18.96
N GLU A 289 16.75 -13.41 -19.98
CA GLU A 289 17.03 -13.00 -21.36
C GLU A 289 17.12 -11.48 -21.47
N THR A 290 16.24 -10.73 -20.75
CA THR A 290 16.25 -9.26 -20.72
C THR A 290 17.48 -8.72 -20.00
N VAL A 291 17.93 -9.42 -18.93
CA VAL A 291 19.13 -9.08 -18.15
C VAL A 291 20.38 -9.26 -19.03
N THR A 292 20.39 -10.31 -19.87
CA THR A 292 21.48 -10.66 -20.78
C THR A 292 21.78 -9.55 -21.79
N LYS A 293 20.76 -8.73 -22.14
CA LYS A 293 20.90 -7.58 -23.05
C LYS A 293 21.84 -6.53 -22.44
N LEU A 294 21.85 -6.38 -21.10
CA LEU A 294 22.75 -5.45 -20.41
C LEU A 294 24.02 -6.15 -19.94
N PHE A 295 23.90 -7.43 -19.55
CA PHE A 295 24.99 -8.24 -19.03
C PHE A 295 25.13 -9.54 -19.82
N PRO A 296 25.89 -9.54 -20.96
CA PRO A 296 26.01 -10.75 -21.79
C PRO A 296 26.53 -12.02 -21.11
N MET A 297 27.32 -11.85 -20.04
CA MET A 297 27.90 -12.95 -19.25
C MET A 297 26.85 -13.82 -18.52
N VAL A 298 25.60 -13.29 -18.37
CA VAL A 298 24.47 -13.97 -17.73
C VAL A 298 24.00 -15.19 -18.56
N GLU A 299 24.16 -15.15 -19.90
CA GLU A 299 23.74 -16.25 -20.78
C GLU A 299 24.42 -17.59 -20.44
N GLU A 300 25.76 -17.59 -20.39
CA GLU A 300 26.58 -18.77 -20.09
C GLU A 300 26.44 -19.24 -18.65
N ILE A 301 26.38 -18.30 -17.70
CA ILE A 301 26.32 -18.60 -16.27
C ILE A 301 24.91 -18.91 -15.75
N MET A 302 23.87 -18.26 -16.30
CA MET A 302 22.51 -18.44 -15.80
C MET A 302 21.45 -18.98 -16.75
N LEU A 303 21.49 -18.62 -18.05
CA LEU A 303 20.52 -19.17 -19.00
C LEU A 303 20.83 -20.61 -19.34
N GLN A 304 22.13 -20.96 -19.43
CA GLN A 304 22.60 -22.31 -19.72
C GLN A 304 22.06 -23.33 -18.67
N PRO A 305 22.21 -23.13 -17.33
CA PRO A 305 21.61 -24.09 -16.38
C PRO A 305 20.08 -24.16 -16.48
N LEU A 306 19.41 -23.04 -16.85
CA LEU A 306 17.96 -22.97 -17.03
C LEU A 306 17.52 -23.80 -18.23
N TRP A 307 18.31 -23.80 -19.32
CA TRP A 307 18.02 -24.60 -20.52
C TRP A 307 18.17 -26.08 -20.20
N GLU A 308 19.22 -26.44 -19.42
CA GLU A 308 19.51 -27.81 -18.99
C GLU A 308 18.39 -28.32 -18.07
N SER A 309 17.99 -27.49 -17.08
CA SER A 309 16.94 -27.79 -16.11
C SER A 309 15.60 -28.05 -16.79
N ARG A 310 15.23 -27.20 -17.79
CA ARG A 310 14.02 -27.33 -18.59
C ARG A 310 14.03 -28.69 -19.30
N ASP A 311 15.16 -29.03 -19.94
CA ASP A 311 15.34 -30.29 -20.66
C ASP A 311 15.29 -31.52 -19.77
N ARG A 312 15.79 -31.41 -18.51
CA ARG A 312 15.76 -32.50 -17.53
C ARG A 312 14.34 -32.75 -17.01
N TYR A 313 13.59 -31.66 -16.67
CA TYR A 313 12.21 -31.78 -16.19
C TYR A 313 11.27 -32.32 -17.27
N GLU A 314 11.60 -32.10 -18.56
CA GLU A 314 10.83 -32.61 -19.69
C GLU A 314 11.02 -34.13 -19.81
N GLU A 315 12.23 -34.61 -19.45
CA GLU A 315 12.58 -36.04 -19.44
C GLU A 315 11.83 -36.72 -18.29
N LEU A 316 11.86 -36.08 -17.08
CA LEU A 316 11.18 -36.55 -15.86
C LEU A 316 9.67 -36.61 -16.06
N LYS A 317 9.09 -35.63 -16.80
CA LYS A 317 7.66 -35.58 -17.10
C LYS A 317 7.22 -36.84 -17.84
N ARG A 318 8.02 -37.29 -18.83
CA ARG A 318 7.74 -38.50 -19.61
C ARG A 318 7.70 -39.74 -18.71
N ILE A 319 8.59 -39.79 -17.69
CA ILE A 319 8.63 -40.87 -16.70
C ILE A 319 7.37 -40.81 -15.81
N ASP A 320 7.00 -39.60 -15.33
CA ASP A 320 5.81 -39.36 -14.50
C ASP A 320 4.54 -39.77 -15.23
N ASP A 321 4.46 -39.45 -16.54
CA ASP A 321 3.31 -39.76 -17.41
C ASP A 321 3.15 -41.27 -17.55
N ALA A 322 4.28 -41.99 -17.76
CA ALA A 322 4.33 -43.45 -17.86
C ALA A 322 3.88 -44.09 -16.55
N MET A 323 4.29 -43.48 -15.42
CA MET A 323 3.97 -43.92 -14.07
C MET A 323 2.49 -43.68 -13.70
N LYS A 324 1.95 -42.49 -14.05
CA LYS A 324 0.57 -42.09 -13.76
C LYS A 324 -0.53 -42.82 -14.51
N GLU A 325 -0.23 -43.44 -15.66
CA GLU A 325 -1.25 -44.20 -16.39
C GLU A 325 -1.55 -45.56 -15.72
N LEU A 326 -0.55 -46.10 -14.99
CA LEU A 326 -0.65 -47.35 -14.22
C LEU A 326 -1.40 -47.10 -12.90
N GLN A 327 -1.48 -45.82 -12.47
CA GLN A 327 -2.17 -45.36 -11.26
C GLN A 327 -3.70 -45.55 -11.38
N LYS A 328 -4.24 -45.54 -12.62
CA LYS A 328 -5.67 -45.73 -12.88
C LYS A 328 -5.98 -47.17 -13.31
N GLY B 1 -43.90 20.84 13.33
CA GLY B 1 -45.30 21.03 12.97
C GLY B 1 -46.18 19.80 13.18
N SER B 2 -45.88 19.00 14.22
CA SER B 2 -46.62 17.78 14.56
C SER B 2 -47.48 17.93 15.84
N HIS B 3 -48.52 17.06 15.99
CA HIS B 3 -49.46 17.07 17.12
C HIS B 3 -48.84 16.82 18.51
N MET B 4 -47.64 16.22 18.54
CA MET B 4 -46.91 15.92 19.78
C MET B 4 -45.39 16.05 19.56
N THR B 5 -44.62 16.09 20.65
CA THR B 5 -43.16 16.19 20.62
C THR B 5 -42.54 14.80 20.51
N TYR B 6 -41.61 14.63 19.56
CA TYR B 6 -40.89 13.39 19.34
C TYR B 6 -39.41 13.57 19.72
N PRO B 7 -38.74 12.55 20.30
CA PRO B 7 -37.32 12.71 20.68
C PRO B 7 -36.41 13.03 19.50
N LYS B 8 -35.30 13.75 19.77
CA LYS B 8 -34.28 14.21 18.81
C LYS B 8 -33.88 13.18 17.76
N TYR B 9 -33.70 11.90 18.18
CA TYR B 9 -33.31 10.79 17.29
C TYR B 9 -34.38 10.42 16.26
N LEU B 10 -35.63 10.90 16.45
CA LEU B 10 -36.71 10.71 15.49
C LEU B 10 -36.75 11.99 14.67
N LEU B 11 -36.14 11.95 13.48
CA LEU B 11 -36.02 13.10 12.58
C LEU B 11 -37.37 13.60 12.11
N SER B 12 -37.56 14.93 12.14
CA SER B 12 -38.79 15.57 11.70
C SER B 12 -38.88 15.52 10.16
N PRO B 13 -40.10 15.56 9.55
CA PRO B 13 -40.17 15.54 8.06
C PRO B 13 -39.34 16.64 7.39
N GLU B 14 -39.24 17.81 8.06
CA GLU B 14 -38.49 19.00 7.64
C GLU B 14 -37.00 18.70 7.56
N THR B 15 -36.46 17.97 8.58
CA THR B 15 -35.06 17.57 8.64
C THR B 15 -34.72 16.60 7.50
N ILE B 16 -35.59 15.60 7.27
CA ILE B 16 -35.47 14.59 6.20
C ILE B 16 -35.35 15.26 4.82
N GLU B 17 -36.19 16.28 4.55
CA GLU B 17 -36.12 17.01 3.27
C GLU B 17 -34.92 17.96 3.15
N ALA B 18 -34.50 18.62 4.26
CA ALA B 18 -33.34 19.53 4.29
C ALA B 18 -32.01 18.78 4.09
N LEU B 19 -31.96 17.52 4.54
CA LEU B 19 -30.82 16.60 4.47
C LEU B 19 -30.35 16.31 3.04
N ARG B 20 -31.24 16.45 2.05
CA ARG B 20 -30.98 16.21 0.63
C ARG B 20 -30.21 17.36 -0.05
N LYS B 21 -30.07 18.50 0.64
CA LYS B 21 -29.44 19.71 0.11
C LYS B 21 -28.11 20.05 0.77
N PRO B 22 -27.13 20.62 0.00
CA PRO B 22 -25.82 20.99 0.60
C PRO B 22 -25.86 22.19 1.54
N THR B 23 -27.04 22.80 1.69
CA THR B 23 -27.29 23.96 2.57
C THR B 23 -27.58 23.52 4.02
N PHE B 24 -27.73 22.19 4.25
CA PHE B 24 -28.01 21.57 5.54
C PHE B 24 -26.99 22.00 6.60
N ASP B 25 -27.47 22.57 7.72
CA ASP B 25 -26.59 23.02 8.79
C ASP B 25 -26.18 21.84 9.66
N VAL B 26 -24.94 21.39 9.43
CA VAL B 26 -24.31 20.25 10.11
C VAL B 26 -24.06 20.49 11.62
N TRP B 27 -24.01 21.76 12.04
CA TRP B 27 -23.74 22.18 13.42
C TRP B 27 -24.91 22.04 14.40
N LEU B 28 -26.15 22.02 13.88
CA LEU B 28 -27.36 21.93 14.69
C LEU B 28 -27.61 20.59 15.36
N TRP B 29 -26.91 19.54 14.92
CA TRP B 29 -27.16 18.17 15.35
C TRP B 29 -26.15 17.53 16.25
N GLU B 30 -26.65 16.79 17.25
CA GLU B 30 -25.85 16.01 18.20
C GLU B 30 -25.51 14.65 17.57
N PRO B 31 -24.48 13.90 18.07
CA PRO B 31 -24.16 12.61 17.42
C PRO B 31 -25.32 11.67 17.10
N ASN B 32 -26.24 11.44 18.06
CA ASN B 32 -27.42 10.57 17.88
C ASN B 32 -28.32 10.99 16.71
N GLU B 33 -28.45 12.32 16.49
CA GLU B 33 -29.25 12.92 15.41
C GLU B 33 -28.55 12.69 14.07
N MET B 34 -27.21 12.89 14.04
CA MET B 34 -26.38 12.68 12.84
C MET B 34 -26.39 11.20 12.47
N LEU B 35 -26.40 10.31 13.49
CA LEU B 35 -26.47 8.86 13.32
C LEU B 35 -27.79 8.46 12.66
N SER B 36 -28.91 9.11 13.08
CA SER B 36 -30.25 8.90 12.52
C SER B 36 -30.30 9.38 11.07
N CYS B 37 -29.60 10.49 10.78
CA CYS B 37 -29.49 11.07 9.44
C CYS B 37 -28.81 10.10 8.47
N LEU B 38 -27.66 9.52 8.88
CA LEU B 38 -26.90 8.56 8.08
C LEU B 38 -27.69 7.30 7.79
N GLU B 39 -28.40 6.79 8.80
CA GLU B 39 -29.28 5.63 8.76
C GLU B 39 -30.40 5.86 7.74
N HIS B 40 -31.00 7.06 7.75
CA HIS B 40 -32.05 7.46 6.82
C HIS B 40 -31.53 7.42 5.39
N MET B 41 -30.30 7.93 5.15
CA MET B 41 -29.66 7.94 3.84
C MET B 41 -29.59 6.54 3.24
N TYR B 42 -29.24 5.51 4.05
CA TYR B 42 -29.14 4.12 3.61
C TYR B 42 -30.48 3.51 3.22
N HIS B 43 -31.54 3.84 3.98
CA HIS B 43 -32.89 3.38 3.70
C HIS B 43 -33.44 4.10 2.47
N ASP B 44 -33.31 5.45 2.44
CA ASP B 44 -33.79 6.33 1.38
C ASP B 44 -33.17 6.08 0.01
N LEU B 45 -31.87 5.75 -0.03
CA LEU B 45 -31.15 5.45 -1.28
C LEU B 45 -31.43 4.04 -1.80
N GLY B 46 -32.22 3.26 -1.04
CA GLY B 46 -32.57 1.89 -1.37
C GLY B 46 -31.44 0.90 -1.13
N LEU B 47 -30.43 1.29 -0.33
CA LEU B 47 -29.29 0.43 -0.03
C LEU B 47 -29.64 -0.69 0.93
N VAL B 48 -30.52 -0.41 1.92
CA VAL B 48 -31.02 -1.40 2.89
C VAL B 48 -31.79 -2.49 2.13
N ARG B 49 -32.69 -2.08 1.21
CA ARG B 49 -33.50 -2.96 0.38
C ARG B 49 -32.70 -3.77 -0.65
N ASP B 50 -31.81 -3.11 -1.40
CA ASP B 50 -31.02 -3.77 -2.45
C ASP B 50 -29.87 -4.65 -1.99
N PHE B 51 -29.39 -4.44 -0.76
CA PHE B 51 -28.28 -5.23 -0.23
C PHE B 51 -28.66 -6.06 0.99
N SER B 52 -29.99 -6.12 1.27
CA SER B 52 -30.61 -6.88 2.38
C SER B 52 -29.89 -6.60 3.70
N ILE B 53 -29.60 -5.32 3.95
CA ILE B 53 -28.93 -4.87 5.16
C ILE B 53 -29.92 -5.01 6.31
N ASN B 54 -29.50 -5.68 7.40
CA ASN B 54 -30.33 -5.83 8.59
C ASN B 54 -30.42 -4.44 9.24
N PRO B 55 -31.64 -3.86 9.38
CA PRO B 55 -31.76 -2.50 9.93
C PRO B 55 -31.10 -2.27 11.29
N VAL B 56 -31.05 -3.29 12.15
CA VAL B 56 -30.39 -3.21 13.47
C VAL B 56 -28.87 -3.20 13.29
N THR B 57 -28.35 -4.03 12.37
CA THR B 57 -26.92 -4.10 12.05
C THR B 57 -26.44 -2.75 11.51
N LEU B 58 -27.26 -2.08 10.67
CA LEU B 58 -26.97 -0.74 10.12
C LEU B 58 -26.73 0.26 11.24
N ARG B 59 -27.59 0.21 12.28
CA ARG B 59 -27.52 1.07 13.46
C ARG B 59 -26.30 0.77 14.33
N ARG B 60 -26.02 -0.54 14.58
CA ARG B 60 -24.87 -0.98 15.37
C ARG B 60 -23.57 -0.60 14.66
N TRP B 61 -23.53 -0.77 13.31
CA TRP B 61 -22.39 -0.42 12.47
C TRP B 61 -22.11 1.09 12.56
N LEU B 62 -23.14 1.93 12.35
CA LEU B 62 -23.03 3.39 12.44
C LEU B 62 -22.55 3.86 13.82
N PHE B 63 -23.07 3.24 14.90
CA PHE B 63 -22.67 3.54 16.27
C PHE B 63 -21.20 3.17 16.49
N CYS B 64 -20.75 2.03 15.93
CA CYS B 64 -19.37 1.57 16.04
C CYS B 64 -18.43 2.48 15.26
N VAL B 65 -18.85 2.94 14.05
CA VAL B 65 -18.09 3.87 13.21
C VAL B 65 -17.88 5.18 14.00
N HIS B 66 -18.97 5.71 14.59
CA HIS B 66 -18.98 6.93 15.41
C HIS B 66 -18.00 6.84 16.57
N ASP B 67 -17.97 5.68 17.26
CA ASP B 67 -17.09 5.41 18.39
C ASP B 67 -15.62 5.34 17.95
N ASN B 68 -15.36 4.93 16.70
CA ASN B 68 -14.00 4.82 16.17
C ASN B 68 -13.47 6.10 15.54
N TYR B 69 -14.26 7.18 15.61
CA TYR B 69 -13.82 8.52 15.20
C TYR B 69 -13.29 9.20 16.45
N ARG B 70 -12.07 9.77 16.37
CA ARG B 70 -11.45 10.43 17.52
C ARG B 70 -12.00 11.84 17.72
N ASN B 71 -11.90 12.37 18.95
CA ASN B 71 -12.40 13.71 19.28
C ASN B 71 -11.38 14.80 18.94
N ASN B 72 -11.04 14.87 17.64
CA ASN B 72 -10.12 15.84 17.05
C ASN B 72 -10.88 17.13 16.74
N PRO B 73 -10.21 18.31 16.66
CA PRO B 73 -10.95 19.54 16.33
C PRO B 73 -11.61 19.52 14.95
N PHE B 74 -10.95 18.91 13.94
CA PHE B 74 -11.46 18.80 12.58
C PHE B 74 -11.81 17.37 12.17
N HIS B 75 -10.83 16.44 12.22
CA HIS B 75 -11.01 15.03 11.79
C HIS B 75 -11.76 14.20 12.82
N ASN B 76 -13.06 14.50 12.97
CA ASN B 76 -13.98 13.90 13.93
C ASN B 76 -15.22 13.31 13.23
N PHE B 77 -16.20 12.83 14.03
CA PHE B 77 -17.45 12.27 13.51
C PHE B 77 -18.28 13.28 12.71
N ARG B 78 -18.30 14.57 13.13
CA ARG B 78 -19.05 15.60 12.41
C ARG B 78 -18.49 15.83 11.01
N HIS B 79 -17.15 15.68 10.83
CA HIS B 79 -16.51 15.80 9.53
C HIS B 79 -16.95 14.65 8.60
N CYS B 80 -16.95 13.41 9.11
CA CYS B 80 -17.40 12.24 8.36
C CYS B 80 -18.88 12.39 7.97
N PHE B 81 -19.68 13.03 8.85
CA PHE B 81 -21.09 13.33 8.59
C PHE B 81 -21.22 14.34 7.44
N CYS B 82 -20.34 15.38 7.40
CA CYS B 82 -20.26 16.40 6.35
C CYS B 82 -20.00 15.78 5.00
N VAL B 83 -19.01 14.90 4.93
CA VAL B 83 -18.59 14.19 3.71
C VAL B 83 -19.72 13.28 3.21
N ALA B 84 -20.34 12.51 4.12
CA ALA B 84 -21.45 11.62 3.79
C ALA B 84 -22.70 12.39 3.39
N GLN B 85 -22.97 13.54 4.07
CA GLN B 85 -24.12 14.39 3.77
C GLN B 85 -23.90 15.10 2.43
N MET B 86 -22.65 15.46 2.09
CA MET B 86 -22.34 16.09 0.80
C MET B 86 -22.46 15.05 -0.32
N MET B 87 -22.06 13.79 -0.05
CA MET B 87 -22.17 12.70 -1.03
C MET B 87 -23.64 12.46 -1.36
N TYR B 88 -24.48 12.38 -0.30
CA TYR B 88 -25.92 12.22 -0.37
C TYR B 88 -26.57 13.36 -1.17
N SER B 89 -26.14 14.62 -0.92
CA SER B 89 -26.61 15.82 -1.62
C SER B 89 -26.26 15.75 -3.11
N MET B 90 -25.05 15.24 -3.42
CA MET B 90 -24.56 15.10 -4.79
C MET B 90 -25.28 14.01 -5.57
N VAL B 91 -25.79 12.97 -4.88
CA VAL B 91 -26.59 11.89 -5.48
C VAL B 91 -27.87 12.50 -6.08
N TRP B 92 -28.54 13.39 -5.32
CA TRP B 92 -29.77 14.04 -5.77
C TRP B 92 -29.52 15.13 -6.79
N LEU B 93 -28.52 16.00 -6.53
CA LEU B 93 -28.17 17.10 -7.41
C LEU B 93 -27.73 16.63 -8.80
N CYS B 94 -26.82 15.65 -8.85
CA CYS B 94 -26.27 15.12 -10.10
C CYS B 94 -27.04 13.94 -10.70
N SER B 95 -28.15 13.52 -10.06
CA SER B 95 -28.98 12.38 -10.49
C SER B 95 -28.08 11.14 -10.68
N LEU B 96 -27.25 10.85 -9.67
CA LEU B 96 -26.27 9.77 -9.69
C LEU B 96 -26.87 8.38 -9.83
N GLN B 97 -28.13 8.19 -9.41
CA GLN B 97 -28.84 6.92 -9.53
C GLN B 97 -29.14 6.51 -10.99
N GLU B 98 -29.11 7.49 -11.91
CA GLU B 98 -29.30 7.29 -13.35
C GLU B 98 -28.00 6.79 -14.00
N LYS B 99 -26.84 7.26 -13.50
CA LYS B 99 -25.52 6.97 -14.05
C LYS B 99 -24.79 5.83 -13.33
N PHE B 100 -25.03 5.68 -12.02
CA PHE B 100 -24.37 4.68 -11.20
C PHE B 100 -25.27 3.54 -10.75
N SER B 101 -24.67 2.36 -10.57
CA SER B 101 -25.36 1.18 -10.06
C SER B 101 -25.54 1.36 -8.55
N GLN B 102 -26.38 0.52 -7.92
CA GLN B 102 -26.60 0.57 -6.48
C GLN B 102 -25.34 0.20 -5.70
N THR B 103 -24.50 -0.68 -6.27
CA THR B 103 -23.22 -1.11 -5.70
C THR B 103 -22.27 0.11 -5.62
N ASP B 104 -22.25 0.94 -6.68
CA ASP B 104 -21.45 2.15 -6.76
C ASP B 104 -21.89 3.22 -5.75
N ILE B 105 -23.22 3.37 -5.55
CA ILE B 105 -23.78 4.31 -4.57
C ILE B 105 -23.39 3.84 -3.17
N LEU B 106 -23.45 2.51 -2.92
CA LEU B 106 -23.07 1.88 -1.67
C LEU B 106 -21.59 2.14 -1.37
N ILE B 107 -20.71 1.98 -2.38
CA ILE B 107 -19.27 2.23 -2.28
C ILE B 107 -19.00 3.71 -1.91
N LEU B 108 -19.64 4.63 -2.65
CA LEU B 108 -19.50 6.08 -2.44
C LEU B 108 -19.90 6.51 -1.04
N MET B 109 -21.05 5.99 -0.56
CA MET B 109 -21.60 6.32 0.76
C MET B 109 -20.80 5.72 1.91
N THR B 110 -20.46 4.42 1.79
CA THR B 110 -19.70 3.69 2.83
C THR B 110 -18.29 4.22 2.94
N ALA B 111 -17.63 4.54 1.80
CA ALA B 111 -16.28 5.12 1.80
C ALA B 111 -16.29 6.52 2.41
N ALA B 112 -17.32 7.35 2.11
CA ALA B 112 -17.46 8.71 2.67
C ALA B 112 -17.57 8.67 4.19
N ILE B 113 -18.36 7.71 4.74
CA ILE B 113 -18.55 7.53 6.17
C ILE B 113 -17.25 7.04 6.85
N CYS B 114 -16.55 6.10 6.20
CA CYS B 114 -15.36 5.45 6.73
C CYS B 114 -14.01 6.14 6.48
N HIS B 115 -13.92 7.05 5.50
CA HIS B 115 -12.68 7.70 5.03
C HIS B 115 -11.67 8.25 6.05
N ASP B 116 -12.11 8.67 7.24
CA ASP B 116 -11.22 9.24 8.26
C ASP B 116 -11.25 8.54 9.60
N LEU B 117 -11.62 7.25 9.62
CA LEU B 117 -11.70 6.44 10.83
C LEU B 117 -10.39 6.39 11.59
N ASP B 118 -10.46 6.68 12.91
CA ASP B 118 -9.34 6.66 13.85
C ASP B 118 -8.19 7.59 13.45
N HIS B 119 -8.53 8.80 12.97
CA HIS B 119 -7.55 9.81 12.56
C HIS B 119 -6.86 10.35 13.83
N PRO B 120 -5.50 10.37 13.89
CA PRO B 120 -4.84 10.83 15.11
C PRO B 120 -4.75 12.36 15.29
N GLY B 121 -5.12 13.13 14.26
CA GLY B 121 -5.06 14.59 14.28
C GLY B 121 -3.72 15.15 13.87
N TYR B 122 -2.85 14.29 13.29
CA TYR B 122 -1.52 14.61 12.79
C TYR B 122 -1.42 13.94 11.43
N ASN B 123 -1.15 14.72 10.38
CA ASN B 123 -1.12 14.25 8.99
C ASN B 123 0.00 13.25 8.65
N ASN B 124 0.02 12.76 7.39
CA ASN B 124 0.99 11.80 6.86
C ASN B 124 2.42 12.29 6.96
N THR B 125 2.64 13.61 6.72
CA THR B 125 3.96 14.24 6.82
C THR B 125 4.51 14.12 8.24
N TYR B 126 3.64 14.29 9.26
CA TYR B 126 4.07 14.10 10.65
C TYR B 126 4.48 12.65 10.86
N GLN B 127 3.60 11.69 10.48
CA GLN B 127 3.81 10.24 10.62
C GLN B 127 5.17 9.81 10.04
N ILE B 128 5.45 10.22 8.78
CA ILE B 128 6.68 9.92 8.05
C ILE B 128 7.91 10.54 8.72
N ASN B 129 7.88 11.86 9.00
CA ASN B 129 8.99 12.59 9.63
C ASN B 129 9.28 12.12 11.06
N ALA B 130 8.22 11.86 11.85
CA ALA B 130 8.36 11.38 13.23
C ALA B 130 8.69 9.88 13.29
N ARG B 131 8.57 9.17 12.13
CA ARG B 131 8.82 7.73 11.96
C ARG B 131 7.94 6.92 12.93
N THR B 132 6.64 7.27 12.96
CA THR B 132 5.64 6.67 13.84
C THR B 132 5.37 5.21 13.50
N GLU B 133 4.66 4.48 14.39
CA GLU B 133 4.27 3.08 14.18
C GLU B 133 3.46 2.90 12.91
N LEU B 134 2.61 3.90 12.55
CA LEU B 134 1.79 3.91 11.34
C LEU B 134 2.61 4.04 10.07
N ALA B 135 3.60 4.97 10.06
CA ALA B 135 4.51 5.18 8.92
C ALA B 135 5.35 3.93 8.68
N VAL B 136 5.82 3.28 9.77
CA VAL B 136 6.62 2.06 9.72
C VAL B 136 5.73 0.90 9.24
N ARG B 137 4.49 0.81 9.73
CA ARG B 137 3.52 -0.23 9.32
C ARG B 137 3.22 -0.14 7.83
N TYR B 138 2.99 1.08 7.32
CA TYR B 138 2.60 1.32 5.94
C TYR B 138 3.70 1.70 4.96
N ASN B 139 4.97 1.68 5.43
CA ASN B 139 6.16 1.95 4.62
C ASN B 139 6.12 3.32 3.92
N ASP B 140 5.59 4.33 4.64
CA ASP B 140 5.42 5.73 4.19
C ASP B 140 4.42 5.89 3.04
N ILE B 141 3.68 4.82 2.68
CA ILE B 141 2.68 4.87 1.60
C ILE B 141 1.32 5.14 2.22
N SER B 142 0.82 6.40 2.06
CA SER B 142 -0.45 6.90 2.59
C SER B 142 -0.78 6.23 3.94
N PRO B 143 0.08 6.38 4.99
CA PRO B 143 -0.17 5.67 6.26
C PRO B 143 -1.55 5.84 6.87
N LEU B 144 -2.06 7.09 6.90
CA LEU B 144 -3.38 7.40 7.46
C LEU B 144 -4.53 6.77 6.70
N GLU B 145 -4.59 6.98 5.38
CA GLU B 145 -5.66 6.46 4.51
C GLU B 145 -5.73 4.94 4.53
N ASN B 146 -4.56 4.28 4.56
CA ASN B 146 -4.46 2.82 4.67
C ASN B 146 -5.02 2.36 6.01
N HIS B 147 -4.73 3.12 7.09
CA HIS B 147 -5.23 2.86 8.44
C HIS B 147 -6.75 3.06 8.53
N HIS B 148 -7.30 4.16 7.96
CA HIS B 148 -8.76 4.44 7.95
C HIS B 148 -9.50 3.26 7.32
N CYS B 149 -8.92 2.74 6.21
CA CYS B 149 -9.34 1.61 5.42
C CYS B 149 -9.36 0.32 6.26
N ALA B 150 -8.24 0.02 6.94
CA ALA B 150 -8.07 -1.16 7.78
C ALA B 150 -9.09 -1.15 8.91
N VAL B 151 -9.26 0.01 9.59
CA VAL B 151 -10.23 0.20 10.67
C VAL B 151 -11.66 -0.04 10.15
N ALA B 152 -11.99 0.47 8.94
CA ALA B 152 -13.30 0.29 8.30
C ALA B 152 -13.64 -1.18 8.15
N PHE B 153 -12.69 -1.97 7.64
CA PHE B 153 -12.87 -3.40 7.44
C PHE B 153 -12.76 -4.24 8.70
N GLN B 154 -12.12 -3.69 9.75
CA GLN B 154 -12.04 -4.33 11.07
C GLN B 154 -13.41 -4.23 11.75
N ILE B 155 -14.10 -3.08 11.58
CA ILE B 155 -15.46 -2.83 12.10
C ILE B 155 -16.43 -3.76 11.37
N LEU B 156 -16.35 -3.78 10.02
CA LEU B 156 -17.19 -4.63 9.15
C LEU B 156 -16.98 -6.14 9.37
N ALA B 157 -15.83 -6.57 9.92
CA ALA B 157 -15.53 -7.97 10.22
C ALA B 157 -16.26 -8.45 11.49
N GLU B 158 -16.66 -7.51 12.35
CA GLU B 158 -17.41 -7.83 13.57
C GLU B 158 -18.84 -8.19 13.13
N PRO B 159 -19.31 -9.44 13.40
CA PRO B 159 -20.63 -9.87 12.90
C PRO B 159 -21.83 -8.98 13.15
N GLU B 160 -21.91 -8.33 14.33
CA GLU B 160 -23.02 -7.44 14.68
C GLU B 160 -22.95 -6.08 13.94
N CYS B 161 -21.82 -5.80 13.26
CA CYS B 161 -21.59 -4.58 12.49
C CYS B 161 -21.51 -4.83 10.99
N ASN B 162 -21.58 -6.09 10.57
CA ASN B 162 -21.44 -6.44 9.16
C ASN B 162 -22.68 -6.13 8.33
N ILE B 163 -22.74 -4.90 7.80
CA ILE B 163 -23.85 -4.45 6.92
C ILE B 163 -23.83 -5.17 5.56
N PHE B 164 -22.72 -5.87 5.26
CA PHE B 164 -22.51 -6.61 4.03
C PHE B 164 -22.69 -8.12 4.19
N SER B 165 -23.23 -8.56 5.34
CA SER B 165 -23.45 -9.97 5.69
C SER B 165 -24.34 -10.74 4.71
N ASN B 166 -25.31 -10.06 4.08
CA ASN B 166 -26.24 -10.67 3.14
C ASN B 166 -25.87 -10.41 1.67
N ILE B 167 -24.63 -9.98 1.42
CA ILE B 167 -24.12 -9.72 0.08
C ILE B 167 -23.24 -10.93 -0.31
N PRO B 168 -23.43 -11.52 -1.52
CA PRO B 168 -22.57 -12.66 -1.93
C PRO B 168 -21.08 -12.29 -1.95
N PRO B 169 -20.14 -13.27 -1.81
CA PRO B 169 -18.71 -12.95 -1.80
C PRO B 169 -18.18 -12.09 -2.94
N ASP B 170 -18.68 -12.31 -4.19
CA ASP B 170 -18.26 -11.53 -5.36
C ASP B 170 -18.66 -10.07 -5.25
N GLY B 171 -19.83 -9.82 -4.66
CA GLY B 171 -20.35 -8.49 -4.37
C GLY B 171 -19.49 -7.81 -3.32
N PHE B 172 -19.17 -8.54 -2.23
CA PHE B 172 -18.30 -8.05 -1.14
C PHE B 172 -16.94 -7.62 -1.68
N LYS B 173 -16.30 -8.48 -2.51
CA LYS B 173 -14.99 -8.20 -3.12
C LYS B 173 -15.02 -6.93 -3.96
N GLN B 174 -16.11 -6.72 -4.72
CA GLN B 174 -16.35 -5.56 -5.57
C GLN B 174 -16.47 -4.28 -4.72
N ILE B 175 -17.28 -4.34 -3.63
CA ILE B 175 -17.50 -3.24 -2.69
C ILE B 175 -16.18 -2.92 -1.96
N ARG B 176 -15.49 -3.97 -1.47
CA ARG B 176 -14.22 -3.84 -0.75
C ARG B 176 -13.17 -3.12 -1.61
N GLN B 177 -12.95 -3.59 -2.85
CA GLN B 177 -12.00 -3.01 -3.79
C GLN B 177 -12.32 -1.53 -4.08
N GLY B 178 -13.60 -1.23 -4.30
CA GLY B 178 -14.08 0.13 -4.56
C GLY B 178 -13.83 1.08 -3.40
N MET B 179 -14.18 0.63 -2.19
CA MET B 179 -14.00 1.40 -0.95
C MET B 179 -12.53 1.71 -0.67
N ILE B 180 -11.64 0.71 -0.88
CA ILE B 180 -10.19 0.86 -0.70
C ILE B 180 -9.68 1.95 -1.66
N THR B 181 -10.03 1.84 -2.95
CA THR B 181 -9.65 2.80 -3.99
C THR B 181 -10.07 4.22 -3.59
N LEU B 182 -11.33 4.39 -3.14
CA LEU B 182 -11.88 5.69 -2.75
C LEU B 182 -11.25 6.31 -1.51
N ILE B 183 -11.07 5.53 -0.42
CA ILE B 183 -10.45 6.02 0.82
C ILE B 183 -8.98 6.41 0.57
N LEU B 184 -8.24 5.59 -0.21
CA LEU B 184 -6.85 5.88 -0.55
C LEU B 184 -6.73 7.13 -1.45
N ALA B 185 -7.76 7.40 -2.27
CA ALA B 185 -7.82 8.55 -3.17
C ALA B 185 -7.96 9.89 -2.43
N THR B 186 -8.33 9.85 -1.13
CA THR B 186 -8.50 11.05 -0.31
C THR B 186 -7.17 11.69 0.13
N ASP B 187 -6.04 10.95 -0.02
CA ASP B 187 -4.70 11.45 0.29
C ASP B 187 -4.37 12.60 -0.66
N MET B 188 -4.24 13.83 -0.12
CA MET B 188 -3.96 15.03 -0.91
C MET B 188 -2.64 15.05 -1.65
N ALA B 189 -1.71 14.13 -1.29
CA ALA B 189 -0.41 13.96 -1.95
C ALA B 189 -0.61 13.46 -3.38
N ARG B 190 -1.76 12.78 -3.61
CA ARG B 190 -2.16 12.19 -4.89
C ARG B 190 -3.14 13.07 -5.69
N HIS B 191 -3.47 14.28 -5.19
CA HIS B 191 -4.43 15.22 -5.82
C HIS B 191 -4.15 15.54 -7.29
N ALA B 192 -2.92 16.03 -7.60
CA ALA B 192 -2.51 16.40 -8.96
C ALA B 192 -2.57 15.21 -9.92
N GLU B 193 -2.14 14.03 -9.46
CA GLU B 193 -2.14 12.76 -10.20
C GLU B 193 -3.58 12.34 -10.59
N ILE B 194 -4.51 12.33 -9.60
CA ILE B 194 -5.92 11.97 -9.79
C ILE B 194 -6.63 12.97 -10.71
N MET B 195 -6.36 14.28 -10.52
CA MET B 195 -6.91 15.36 -11.34
C MET B 195 -6.47 15.24 -12.80
N ASP B 196 -5.17 14.97 -13.04
CA ASP B 196 -4.62 14.79 -14.38
C ASP B 196 -5.22 13.58 -15.07
N SER B 197 -5.33 12.44 -14.35
CA SER B 197 -5.92 11.20 -14.85
C SER B 197 -7.39 11.40 -15.24
N PHE B 198 -8.15 12.14 -14.42
CA PHE B 198 -9.56 12.44 -14.66
C PHE B 198 -9.76 13.34 -15.87
N LYS B 199 -8.98 14.44 -15.95
CA LYS B 199 -8.99 15.41 -17.06
C LYS B 199 -8.68 14.73 -18.40
N GLU B 200 -7.79 13.72 -18.37
CA GLU B 200 -7.39 12.91 -19.51
C GLU B 200 -8.60 12.08 -20.01
N LYS B 201 -9.38 11.51 -19.07
CA LYS B 201 -10.59 10.74 -19.38
C LYS B 201 -11.73 11.69 -19.80
N MET B 202 -11.69 12.94 -19.30
CA MET B 202 -12.66 14.00 -19.58
C MET B 202 -12.65 14.48 -21.02
N GLU B 203 -11.58 14.15 -21.77
CA GLU B 203 -11.40 14.48 -23.20
C GLU B 203 -12.48 13.81 -24.04
N ASN B 204 -12.95 12.61 -23.61
CA ASN B 204 -14.01 11.82 -24.24
C ASN B 204 -14.55 10.83 -23.18
N PHE B 205 -15.29 11.36 -22.18
CA PHE B 205 -15.85 10.58 -21.06
C PHE B 205 -16.86 9.54 -21.48
N ASP B 206 -16.75 8.34 -20.89
CA ASP B 206 -17.60 7.19 -21.15
C ASP B 206 -18.11 6.59 -19.85
N TYR B 207 -19.43 6.68 -19.62
CA TYR B 207 -20.11 6.13 -18.44
C TYR B 207 -20.11 4.60 -18.39
N SER B 208 -19.84 3.95 -19.54
CA SER B 208 -19.77 2.49 -19.65
C SER B 208 -18.33 1.99 -19.41
N ASN B 209 -17.35 2.90 -19.39
CA ASN B 209 -15.94 2.59 -19.15
C ASN B 209 -15.69 2.56 -17.64
N GLU B 210 -15.34 1.37 -17.11
CA GLU B 210 -15.08 1.07 -15.70
C GLU B 210 -13.96 1.95 -15.12
N GLU B 211 -12.91 2.20 -15.91
CA GLU B 211 -11.77 3.04 -15.53
C GLU B 211 -12.18 4.50 -15.38
N HIS B 212 -13.05 5.00 -16.29
CA HIS B 212 -13.59 6.35 -16.29
C HIS B 212 -14.44 6.56 -15.03
N MET B 213 -15.28 5.56 -14.70
CA MET B 213 -16.19 5.56 -13.55
C MET B 213 -15.47 5.50 -12.22
N THR B 214 -14.34 4.75 -12.16
CA THR B 214 -13.50 4.64 -10.97
C THR B 214 -12.92 6.02 -10.65
N LEU B 215 -12.43 6.72 -11.68
CA LEU B 215 -11.88 8.07 -11.54
C LEU B 215 -12.94 9.10 -11.18
N LEU B 216 -14.16 8.98 -11.72
CA LEU B 216 -15.27 9.87 -11.38
C LEU B 216 -15.65 9.68 -9.90
N LYS B 217 -15.72 8.43 -9.42
CA LYS B 217 -16.02 8.12 -8.01
C LYS B 217 -14.93 8.68 -7.08
N MET B 218 -13.66 8.60 -7.51
CA MET B 218 -12.50 9.13 -6.79
C MET B 218 -12.62 10.66 -6.65
N ILE B 219 -13.00 11.33 -7.75
CA ILE B 219 -13.21 12.78 -7.79
C ILE B 219 -14.41 13.17 -6.91
N LEU B 220 -15.49 12.34 -6.92
CA LEU B 220 -16.68 12.58 -6.11
C LEU B 220 -16.38 12.54 -4.61
N ILE B 221 -15.64 11.50 -4.12
CA ILE B 221 -15.26 11.42 -2.70
C ILE B 221 -14.31 12.56 -2.30
N LYS B 222 -13.41 12.94 -3.22
CA LYS B 222 -12.46 14.03 -3.04
C LYS B 222 -13.22 15.35 -2.90
N CYS B 223 -14.23 15.58 -3.77
CA CYS B 223 -15.11 16.75 -3.74
C CYS B 223 -15.80 16.88 -2.40
N CYS B 224 -16.41 15.79 -1.93
CA CYS B 224 -17.13 15.71 -0.66
C CYS B 224 -16.24 15.91 0.55
N ASP B 225 -15.02 15.35 0.51
CA ASP B 225 -14.04 15.44 1.58
C ASP B 225 -13.64 16.88 1.91
N ILE B 226 -13.34 17.69 0.88
CA ILE B 226 -12.90 19.08 1.05
C ILE B 226 -13.99 20.13 0.75
N SER B 227 -15.27 19.70 0.71
CA SER B 227 -16.46 20.49 0.37
C SER B 227 -16.94 21.56 1.36
N ASN B 228 -16.30 21.72 2.53
CA ASN B 228 -16.76 22.70 3.53
C ASN B 228 -17.09 24.08 2.99
N GLU B 229 -16.22 24.65 2.14
CA GLU B 229 -16.39 25.98 1.53
C GLU B 229 -17.57 26.11 0.54
N VAL B 230 -18.17 24.98 0.14
CA VAL B 230 -19.33 24.90 -0.76
C VAL B 230 -20.62 25.21 0.04
N ARG B 231 -20.61 24.90 1.35
CA ARG B 231 -21.72 25.10 2.28
C ARG B 231 -21.94 26.59 2.57
N PRO B 232 -23.15 27.03 3.03
CA PRO B 232 -23.35 28.45 3.36
C PRO B 232 -22.29 28.97 4.33
N MET B 233 -21.85 30.24 4.15
CA MET B 233 -20.81 30.91 4.95
C MET B 233 -20.86 30.58 6.44
N GLU B 234 -22.05 30.69 7.06
CA GLU B 234 -22.30 30.45 8.49
C GLU B 234 -21.97 29.01 8.91
N VAL B 235 -22.13 28.04 7.99
CA VAL B 235 -21.87 26.62 8.19
C VAL B 235 -20.39 26.31 7.87
N ALA B 236 -19.87 26.92 6.77
CA ALA B 236 -18.50 26.76 6.28
C ALA B 236 -17.44 27.33 7.21
N GLU B 237 -17.56 28.63 7.59
CA GLU B 237 -16.63 29.38 8.45
C GLU B 237 -16.09 28.67 9.72
N PRO B 238 -16.94 28.10 10.62
CA PRO B 238 -16.40 27.45 11.83
C PRO B 238 -15.42 26.29 11.60
N TRP B 239 -15.49 25.62 10.43
CA TRP B 239 -14.62 24.51 10.07
C TRP B 239 -13.15 24.93 9.89
N VAL B 240 -12.92 26.20 9.44
CA VAL B 240 -11.58 26.79 9.23
C VAL B 240 -10.81 26.86 10.56
N ASP B 241 -11.46 27.33 11.62
CA ASP B 241 -10.90 27.45 12.98
C ASP B 241 -10.55 26.06 13.52
N CYS B 242 -11.44 25.07 13.28
CA CYS B 242 -11.29 23.67 13.67
C CYS B 242 -10.03 23.06 13.03
N LEU B 243 -9.83 23.32 11.73
CA LEU B 243 -8.68 22.82 11.00
C LEU B 243 -7.38 23.51 11.40
N LEU B 244 -7.42 24.83 11.66
CA LEU B 244 -6.23 25.57 12.09
C LEU B 244 -5.79 25.06 13.47
N GLU B 245 -6.77 24.75 14.35
CA GLU B 245 -6.54 24.20 15.68
C GLU B 245 -5.74 22.88 15.60
N GLU B 246 -6.06 22.04 14.60
CA GLU B 246 -5.39 20.76 14.35
C GLU B 246 -4.01 20.98 13.75
N TYR B 247 -3.89 21.92 12.81
CA TYR B 247 -2.64 22.31 12.14
C TYR B 247 -1.64 22.84 13.19
N PHE B 248 -2.13 23.69 14.11
CA PHE B 248 -1.30 24.31 15.14
C PHE B 248 -0.82 23.30 16.17
N MET B 249 -1.66 22.28 16.47
CA MET B 249 -1.34 21.17 17.39
C MET B 249 -0.15 20.38 16.84
N GLN B 250 -0.13 20.16 15.50
CA GLN B 250 0.93 19.44 14.79
C GLN B 250 2.21 20.25 14.70
N SER B 251 2.12 21.51 14.24
CA SER B 251 3.26 22.41 14.09
C SER B 251 3.98 22.70 15.41
N ASP B 252 3.24 22.81 16.53
CA ASP B 252 3.80 23.01 17.87
C ASP B 252 4.62 21.78 18.27
N ARG B 253 4.06 20.58 18.03
CA ARG B 253 4.71 19.29 18.31
C ARG B 253 5.99 19.14 17.48
N GLU B 254 5.92 19.44 16.17
CA GLU B 254 7.05 19.38 15.23
C GLU B 254 8.19 20.32 15.67
N LYS B 255 7.84 21.55 16.13
CA LYS B 255 8.81 22.53 16.63
C LYS B 255 9.51 21.98 17.88
N SER B 256 8.71 21.42 18.82
CA SER B 256 9.15 20.81 20.07
C SER B 256 10.03 19.57 19.84
N GLU B 257 9.74 18.77 18.79
CA GLU B 257 10.46 17.55 18.45
C GLU B 257 11.61 17.78 17.45
N GLY B 258 11.73 19.01 16.94
CA GLY B 258 12.75 19.40 15.98
C GLY B 258 12.52 18.88 14.58
N LEU B 259 11.25 18.65 14.22
CA LEU B 259 10.83 18.14 12.92
C LEU B 259 10.41 19.28 11.98
N PRO B 260 10.43 19.09 10.62
CA PRO B 260 10.03 20.18 9.72
C PRO B 260 8.60 20.67 9.93
N VAL B 261 8.39 21.99 9.81
CA VAL B 261 7.08 22.62 9.99
C VAL B 261 6.57 23.16 8.64
N ALA B 262 5.34 22.80 8.25
CA ALA B 262 4.72 23.28 7.02
C ALA B 262 4.27 24.74 7.24
N PRO B 263 4.67 25.71 6.36
CA PRO B 263 4.28 27.11 6.57
C PRO B 263 2.77 27.38 6.73
N PHE B 264 1.91 26.57 6.08
CA PHE B 264 0.46 26.70 6.19
C PHE B 264 -0.11 26.24 7.55
N MET B 265 0.76 25.65 8.40
CA MET B 265 0.42 25.17 9.74
C MET B 265 1.08 26.03 10.84
N ASP B 266 2.05 26.88 10.47
CA ASP B 266 2.78 27.74 11.39
C ASP B 266 1.92 28.92 11.88
N ARG B 267 1.60 28.95 13.18
CA ARG B 267 0.79 30.03 13.77
C ARG B 267 1.30 31.46 13.59
N ASP B 268 2.62 31.63 13.34
CA ASP B 268 3.27 32.91 13.08
C ASP B 268 3.17 33.33 11.59
N LYS B 269 2.75 32.40 10.71
CA LYS B 269 2.64 32.63 9.26
C LYS B 269 1.21 32.59 8.70
N VAL B 270 0.29 31.83 9.34
CA VAL B 270 -1.07 31.66 8.86
C VAL B 270 -2.11 32.61 9.45
N THR B 271 -3.06 33.01 8.60
CA THR B 271 -4.26 33.78 8.89
C THR B 271 -5.40 32.99 8.25
N LYS B 272 -6.64 33.16 8.74
CA LYS B 272 -7.82 32.47 8.21
C LYS B 272 -8.02 32.73 6.70
N ALA B 273 -7.80 33.97 6.25
CA ALA B 273 -7.95 34.39 4.86
C ALA B 273 -6.92 33.74 3.93
N THR B 274 -5.62 33.89 4.23
CA THR B 274 -4.50 33.37 3.44
C THR B 274 -4.53 31.83 3.29
N ALA B 275 -5.08 31.13 4.31
CA ALA B 275 -5.25 29.68 4.35
C ALA B 275 -6.27 29.21 3.33
N GLN B 276 -7.36 29.99 3.15
CA GLN B 276 -8.48 29.66 2.26
C GLN B 276 -8.35 30.09 0.81
N ILE B 277 -7.88 31.33 0.56
CA ILE B 277 -7.75 31.92 -0.80
C ILE B 277 -7.13 30.96 -1.80
N GLY B 278 -5.89 30.54 -1.54
CA GLY B 278 -5.14 29.63 -2.38
C GLY B 278 -5.83 28.29 -2.58
N PHE B 279 -6.33 27.70 -1.49
CA PHE B 279 -7.03 26.42 -1.48
C PHE B 279 -8.33 26.44 -2.31
N ILE B 280 -9.12 27.53 -2.22
CA ILE B 280 -10.36 27.69 -2.98
C ILE B 280 -10.02 27.88 -4.47
N LYS B 281 -9.12 28.83 -4.79
CA LYS B 281 -8.68 29.17 -6.14
C LYS B 281 -8.00 28.06 -6.92
N PHE B 282 -7.00 27.40 -6.30
CA PHE B 282 -6.18 26.40 -6.98
C PHE B 282 -6.50 24.92 -6.72
N VAL B 283 -7.36 24.62 -5.73
CA VAL B 283 -7.75 23.24 -5.44
C VAL B 283 -9.26 23.03 -5.62
N LEU B 284 -10.09 23.77 -4.86
CA LEU B 284 -11.56 23.64 -4.87
C LEU B 284 -12.25 24.01 -6.17
N ILE B 285 -12.07 25.26 -6.64
CA ILE B 285 -12.68 25.73 -7.89
C ILE B 285 -12.29 24.84 -9.10
N PRO B 286 -10.97 24.55 -9.37
CA PRO B 286 -10.63 23.71 -10.53
C PRO B 286 -11.25 22.31 -10.51
N MET B 287 -11.34 21.69 -9.31
CA MET B 287 -11.93 20.37 -9.14
C MET B 287 -13.44 20.37 -9.45
N PHE B 288 -14.20 21.34 -8.89
CA PHE B 288 -15.64 21.45 -9.16
C PHE B 288 -15.93 21.90 -10.60
N GLU B 289 -14.97 22.58 -11.25
CA GLU B 289 -15.09 23.01 -12.64
C GLU B 289 -15.09 21.77 -13.58
N THR B 290 -14.25 20.76 -13.28
CA THR B 290 -14.17 19.52 -14.07
C THR B 290 -15.44 18.68 -13.90
N VAL B 291 -16.03 18.68 -12.68
CA VAL B 291 -17.29 17.98 -12.36
C VAL B 291 -18.46 18.62 -13.13
N THR B 292 -18.44 19.97 -13.27
CA THR B 292 -19.45 20.77 -13.96
C THR B 292 -19.59 20.38 -15.44
N LYS B 293 -18.49 19.90 -16.06
CA LYS B 293 -18.46 19.42 -17.44
C LYS B 293 -19.40 18.23 -17.64
N LEU B 294 -19.54 17.37 -16.61
CA LEU B 294 -20.45 16.21 -16.63
C LEU B 294 -21.80 16.55 -16.02
N PHE B 295 -21.79 17.40 -14.98
CA PHE B 295 -22.99 17.80 -14.24
C PHE B 295 -23.12 19.34 -14.20
N PRO B 296 -23.75 19.94 -15.24
CA PRO B 296 -23.85 21.42 -15.29
C PRO B 296 -24.52 22.12 -14.11
N MET B 297 -25.40 21.41 -13.39
CA MET B 297 -26.11 21.90 -12.21
C MET B 297 -25.20 22.22 -11.00
N VAL B 298 -23.95 21.69 -11.02
CA VAL B 298 -22.93 21.90 -9.99
C VAL B 298 -22.45 23.36 -9.96
N GLU B 299 -22.47 24.07 -11.12
CA GLU B 299 -22.03 25.47 -11.21
C GLU B 299 -22.80 26.40 -10.29
N GLU B 300 -24.14 26.40 -10.40
CA GLU B 300 -25.05 27.24 -9.61
C GLU B 300 -25.08 26.84 -8.12
N ILE B 301 -25.07 25.54 -7.84
CA ILE B 301 -25.17 25.01 -6.49
C ILE B 301 -23.84 24.97 -5.72
N MET B 302 -22.71 24.71 -6.41
CA MET B 302 -21.42 24.58 -5.74
C MET B 302 -20.30 25.53 -6.13
N LEU B 303 -20.19 25.93 -7.40
CA LEU B 303 -19.15 26.88 -7.79
C LEU B 303 -19.49 28.30 -7.33
N GLN B 304 -20.79 28.65 -7.35
CA GLN B 304 -21.30 29.96 -6.92
C GLN B 304 -20.92 30.23 -5.44
N PRO B 305 -21.21 29.34 -4.45
CA PRO B 305 -20.74 29.61 -3.07
C PRO B 305 -19.22 29.71 -2.94
N LEU B 306 -18.47 28.95 -3.78
CA LEU B 306 -17.00 28.96 -3.80
C LEU B 306 -16.46 30.30 -4.31
N TRP B 307 -17.13 30.92 -5.31
CA TRP B 307 -16.76 32.22 -5.84
C TRP B 307 -17.01 33.30 -4.78
N GLU B 308 -18.16 33.20 -4.06
CA GLU B 308 -18.54 34.11 -2.99
C GLU B 308 -17.54 34.02 -1.84
N SER B 309 -17.15 32.78 -1.46
CA SER B 309 -16.18 32.50 -0.41
C SER B 309 -14.80 33.06 -0.77
N ARG B 310 -14.34 32.80 -2.02
CA ARG B 310 -13.07 33.32 -2.55
C ARG B 310 -13.05 34.85 -2.42
N ASP B 311 -14.11 35.54 -2.90
CA ASP B 311 -14.26 36.99 -2.85
C ASP B 311 -14.29 37.54 -1.42
N ARG B 312 -14.96 36.82 -0.50
CA ARG B 312 -15.05 37.17 0.92
C ARG B 312 -13.66 37.11 1.59
N TYR B 313 -12.93 35.99 1.39
CA TYR B 313 -11.59 35.80 1.95
C TYR B 313 -10.53 36.70 1.34
N GLU B 314 -10.65 37.02 0.03
CA GLU B 314 -9.73 37.93 -0.67
C GLU B 314 -9.91 39.36 -0.14
N GLU B 315 -11.17 39.73 0.18
CA GLU B 315 -11.51 41.03 0.77
C GLU B 315 -11.01 41.08 2.22
N LEU B 316 -11.16 39.95 2.95
CA LEU B 316 -10.71 39.80 4.34
C LEU B 316 -9.18 39.96 4.44
N LYS B 317 -8.44 39.43 3.44
CA LYS B 317 -6.97 39.53 3.37
C LYS B 317 -6.55 40.98 3.17
N ARG B 318 -7.30 41.74 2.35
CA ARG B 318 -7.04 43.16 2.08
C ARG B 318 -7.18 43.98 3.36
N ILE B 319 -8.20 43.65 4.18
CA ILE B 319 -8.49 44.28 5.47
C ILE B 319 -7.33 43.94 6.44
N ASP B 320 -6.94 42.65 6.51
CA ASP B 320 -5.83 42.15 7.33
C ASP B 320 -4.53 42.86 6.97
N ASP B 321 -4.24 42.99 5.66
CA ASP B 321 -3.04 43.66 5.11
C ASP B 321 -3.00 45.15 5.43
N ALA B 322 -4.17 45.83 5.33
CA ALA B 322 -4.32 47.26 5.63
C ALA B 322 -4.09 47.54 7.12
N MET B 323 -4.52 46.58 7.99
CA MET B 323 -4.33 46.64 9.44
C MET B 323 -2.85 46.48 9.79
N LYS B 324 -2.16 45.51 9.15
CA LYS B 324 -0.73 45.24 9.34
C LYS B 324 0.10 46.45 8.94
N GLU B 325 -0.21 47.03 7.75
CA GLU B 325 0.45 48.22 7.19
C GLU B 325 0.25 49.45 8.09
N LEU B 326 -0.90 49.53 8.78
CA LEU B 326 -1.25 50.62 9.69
C LEU B 326 -0.39 50.62 10.96
N GLN B 327 0.07 49.45 11.43
CA GLN B 327 0.90 49.32 12.62
C GLN B 327 2.41 49.41 12.32
N LYS B 328 2.99 48.34 11.74
CA LYS B 328 4.41 48.25 11.39
C LYS B 328 4.75 49.03 10.13
#